data_4Q4I
#
_entry.id   4Q4I
#
_cell.length_a   119.386
_cell.length_b   119.386
_cell.length_c   170.129
_cell.angle_alpha   90.00
_cell.angle_beta   90.00
_cell.angle_gamma   120.00
#
_symmetry.space_group_name_H-M   'P 31 2 1'
#
loop_
_entity.id
_entity.type
_entity.pdbx_description
1 polymer 'Aminopeptidase N'
2 polymer Amastatin
3 non-polymer 'ZINC ION'
4 non-polymer 'SODIUM ION'
5 non-polymer GLYCEROL
6 water water
#
loop_
_entity_poly.entity_id
_entity_poly.type
_entity_poly.pdbx_seq_one_letter_code
_entity_poly.pdbx_strand_id
1 'polypeptide(L)'
;MGSSHHHHHHSSGENLYFQGHMTQQPQAKYRHDYRAPDYQITDIDLTFDLDAQKTVVTAVSQAVRHGASDAPLRLNGEDL
KLVSVHINDEPWTAWKEEEGALVISNLPERFTLKIINEISPAANTALEGLYQSGDALCTQCEAEGFRHITYYLDRPDVLA
RFTTKIIADKIKYPFLLSNGNRVAQGELENGRHWVQWQDPFPKPCYLFALVAGDFDVLRDTFTTRSGREVALELYVDRGN
LDRAPWAMTSLKNSMKWDEERFGLEYDLDIYMIVAVDFFNMGAMENKGLNIFNSKYVLARTDTATDKDYLDIERVIGHEY
FHNWTGNRVTCRDWFQLSLKEGLTVFRDQEFSSDLGSRAVNRINNVRTMRGLQFAEDASPMAHPIRPDMVIEMNNFYTLT
VYEKGAEVIRMIHTLLGEENFQKGMQLYFERHDGSAATCDDFVQAMEDASNVDLSHFRRWYSQSGTPIVTVKDDYNPETE
QYTLTISQRTPATPDQAEKQPLHIPFAIELYDNEGKVIPLQKGGHPVNSVLNVTQAEQTFVFDNVYFQPVPALLCEFSAP
VKLEYKWSDQQLTFLMRHARNDFSRWDAAQSLLATYIKLNVARHQQGQPLSLPVHVADAFRAVLLDEKIDPALAAEILTL
PSVNEMAELFDIIDPIAIAEVREALTRTLATELADELLAIYNANYQSEYRVEHEDIAKRTLRNACLRFLAFGETHLADVL
VSKQFHEANNMTDALAALSAAVAAQLPCRDALMQEYDDKWHQNGLVMDKWFILQATSPAANVLETVRGLLQHRSFTMSNP
NRIRSLIGAFAGSNPAAFHAEDGSGYLFLVEMLTDLNSRNPQVASRLIEPLIRLKRYDAKRQEKMRAALEQLKGLENLSG
DLYEKITKALA
;
A
2 'polypeptide(L)' (L2O)VVD C
#
# COMPACT_ATOMS: atom_id res chain seq x y z
N PRO A 26 3.95 -27.63 1.67
CA PRO A 26 3.83 -26.58 2.72
C PRO A 26 2.37 -26.39 3.16
N GLN A 27 2.12 -26.32 4.46
CA GLN A 27 0.76 -26.45 4.94
C GLN A 27 0.16 -25.13 5.48
N ALA A 28 -1.13 -25.05 5.33
CA ALA A 28 -1.88 -23.86 5.69
C ALA A 28 -2.04 -23.79 7.20
N LYS A 29 -1.97 -22.60 7.79
CA LYS A 29 -2.35 -22.34 9.18
C LYS A 29 -3.71 -21.65 9.14
N TYR A 30 -4.49 -21.90 10.18
CA TYR A 30 -5.85 -21.40 10.26
C TYR A 30 -6.09 -20.59 11.48
N ARG A 31 -6.79 -19.50 11.27
CA ARG A 31 -7.08 -18.56 12.31
C ARG A 31 -7.80 -19.21 13.52
N HIS A 32 -8.72 -20.13 13.28
CA HIS A 32 -9.51 -20.73 14.39
C HIS A 32 -8.61 -21.69 15.21
N ASP A 33 -7.46 -22.12 14.67
CA ASP A 33 -6.47 -22.87 15.46
C ASP A 33 -5.66 -22.04 16.38
N TYR A 34 -5.89 -20.74 16.51
CA TYR A 34 -5.05 -19.95 17.43
C TYR A 34 -5.13 -20.52 18.85
N ARG A 35 -3.99 -20.69 19.52
CA ARG A 35 -3.97 -20.96 20.99
C ARG A 35 -2.85 -20.17 21.64
N ALA A 36 -3.09 -19.71 22.86
CA ALA A 36 -2.08 -19.09 23.65
C ALA A 36 -0.82 -19.97 23.74
N PRO A 37 0.35 -19.38 23.75
CA PRO A 37 1.58 -20.18 23.80
C PRO A 37 1.83 -20.89 25.16
N ASP A 38 2.42 -22.07 25.07
CA ASP A 38 2.82 -22.87 26.17
C ASP A 38 3.94 -22.22 26.97
N TYR A 39 4.71 -21.40 26.30
CA TYR A 39 5.78 -20.65 26.92
C TYR A 39 5.71 -19.18 26.52
N GLN A 40 6.17 -18.35 27.44
CA GLN A 40 6.49 -16.96 27.15
C GLN A 40 7.99 -16.72 27.34
N ILE A 41 8.48 -15.71 26.65
CA ILE A 41 9.80 -15.13 26.87
C ILE A 41 9.52 -13.72 27.35
N THR A 42 10.18 -13.27 28.42
CA THR A 42 9.98 -11.93 28.94
C THR A 42 11.15 -11.03 28.65
N ASP A 43 12.35 -11.58 28.45
CA ASP A 43 13.53 -10.75 28.22
C ASP A 43 14.47 -11.53 27.32
N ILE A 44 15.12 -10.82 26.41
CA ILE A 44 16.09 -11.42 25.55
C ILE A 44 17.29 -10.49 25.41
N ASP A 45 18.47 -11.06 25.66
N ASP A 45 18.47 -11.07 25.62
CA ASP A 45 19.74 -10.39 25.54
CA ASP A 45 19.69 -10.37 25.57
C ASP A 45 20.43 -11.01 24.34
C ASP A 45 20.45 -10.99 24.36
N LEU A 46 20.64 -10.20 23.32
CA LEU A 46 21.25 -10.72 22.06
C LEU A 46 22.66 -10.20 21.97
N THR A 47 23.55 -11.01 21.45
CA THR A 47 24.86 -10.53 21.03
C THR A 47 25.13 -11.01 19.59
N PHE A 48 25.51 -10.09 18.72
CA PHE A 48 25.83 -10.38 17.35
C PHE A 48 27.31 -10.09 17.18
N ASP A 49 28.11 -11.11 16.87
CA ASP A 49 29.49 -10.95 16.42
C ASP A 49 29.38 -10.91 14.90
N LEU A 50 29.35 -9.71 14.35
CA LEU A 50 28.89 -9.54 13.02
C LEU A 50 30.00 -9.69 12.02
N ASP A 51 29.66 -10.34 10.92
CA ASP A 51 30.54 -10.48 9.77
C ASP A 51 29.69 -10.94 8.60
N ALA A 52 29.96 -10.44 7.41
CA ALA A 52 29.08 -10.73 6.29
C ALA A 52 29.09 -12.22 5.90
N GLN A 53 30.22 -12.89 6.09
CA GLN A 53 30.28 -14.30 5.70
C GLN A 53 29.66 -15.20 6.77
N LYS A 54 29.95 -14.89 8.02
CA LYS A 54 29.56 -15.72 9.16
C LYS A 54 29.34 -14.84 10.41
N THR A 55 28.08 -14.68 10.79
CA THR A 55 27.72 -13.93 11.95
C THR A 55 27.34 -14.92 13.02
N VAL A 56 27.88 -14.73 14.23
CA VAL A 56 27.59 -15.61 15.32
C VAL A 56 26.61 -14.87 16.22
N VAL A 57 25.50 -15.54 16.50
CA VAL A 57 24.46 -14.94 17.29
C VAL A 57 24.35 -15.64 18.67
N THR A 58 24.42 -14.89 19.78
CA THR A 58 24.22 -15.45 21.16
C THR A 58 22.97 -14.82 21.75
N ALA A 59 22.01 -15.66 22.12
CA ALA A 59 20.71 -15.20 22.56
C ALA A 59 20.40 -15.79 23.94
N VAL A 60 20.25 -14.93 24.93
CA VAL A 60 19.94 -15.36 26.28
C VAL A 60 18.53 -14.88 26.58
N SER A 61 17.58 -15.80 26.68
CA SER A 61 16.18 -15.44 26.88
C SER A 61 15.69 -15.85 28.28
N GLN A 62 14.92 -15.05 29.00
CA GLN A 62 14.30 -15.53 30.23
C GLN A 62 12.91 -16.03 29.88
N ALA A 63 12.58 -17.25 30.26
CA ALA A 63 11.38 -17.88 29.78
C ALA A 63 10.53 -18.40 30.89
N VAL A 64 9.25 -18.47 30.62
CA VAL A 64 8.32 -18.92 31.61
C VAL A 64 7.38 -19.91 30.95
N ARG A 65 7.23 -21.09 31.56
N ARG A 65 7.22 -21.11 31.52
CA ARG A 65 6.24 -22.05 31.11
CA ARG A 65 6.29 -22.09 30.96
C ARG A 65 4.87 -21.71 31.68
C ARG A 65 4.90 -21.96 31.61
N HIS A 66 3.89 -21.59 30.81
CA HIS A 66 2.48 -21.45 31.21
C HIS A 66 1.68 -22.74 30.96
N GLY A 67 2.03 -23.54 29.99
CA GLY A 67 1.30 -24.78 29.80
C GLY A 67 1.85 -25.93 30.63
N ALA A 68 1.55 -27.13 30.16
CA ALA A 68 1.79 -28.34 30.91
C ALA A 68 3.28 -28.73 30.89
N SER A 69 3.75 -29.43 31.94
CA SER A 69 5.16 -29.88 32.04
C SER A 69 5.58 -30.75 30.88
N ASP A 70 4.68 -31.58 30.41
CA ASP A 70 5.03 -32.44 29.28
C ASP A 70 5.03 -31.76 27.94
N ALA A 71 4.67 -30.48 27.88
CA ALA A 71 4.66 -29.79 26.57
C ALA A 71 6.05 -29.16 26.29
N PRO A 72 6.55 -29.36 25.09
CA PRO A 72 7.92 -28.92 24.89
C PRO A 72 7.96 -27.48 24.41
N LEU A 73 9.08 -26.83 24.51
CA LEU A 73 9.26 -25.55 23.94
C LEU A 73 9.62 -25.71 22.45
N ARG A 74 8.76 -25.20 21.55
CA ARG A 74 9.00 -25.28 20.10
C ARG A 74 9.45 -23.91 19.59
N LEU A 75 10.73 -23.79 19.29
CA LEU A 75 11.29 -22.58 18.79
C LEU A 75 11.38 -22.62 17.28
N ASN A 76 10.90 -21.61 16.60
CA ASN A 76 11.07 -21.58 15.14
C ASN A 76 12.50 -21.20 14.77
N GLY A 77 12.99 -21.74 13.69
CA GLY A 77 14.29 -21.31 13.14
C GLY A 77 14.44 -21.77 11.70
N GLU A 78 15.04 -20.94 10.84
CA GLU A 78 15.21 -21.32 9.40
C GLU A 78 16.62 -21.00 8.99
N ASP A 79 17.31 -21.96 8.35
CA ASP A 79 18.68 -21.79 7.88
C ASP A 79 19.61 -21.25 8.97
N LEU A 80 19.59 -21.90 10.12
CA LEU A 80 20.43 -21.58 11.24
C LEU A 80 21.36 -22.77 11.44
N LYS A 81 22.62 -22.49 11.72
CA LYS A 81 23.50 -23.52 12.19
C LYS A 81 23.62 -23.42 13.73
N LEU A 82 23.01 -24.36 14.45
CA LEU A 82 23.05 -24.41 15.92
C LEU A 82 24.44 -24.74 16.43
N VAL A 83 24.92 -23.99 17.41
CA VAL A 83 26.22 -24.24 18.02
C VAL A 83 26.00 -24.86 19.39
N SER A 84 25.02 -24.39 20.13
CA SER A 84 24.78 -24.96 21.45
C SER A 84 23.53 -24.45 22.10
N VAL A 85 23.06 -25.24 23.06
CA VAL A 85 21.84 -25.00 23.80
C VAL A 85 22.12 -25.25 25.26
N HIS A 86 21.83 -24.26 26.11
CA HIS A 86 21.99 -24.37 27.55
C HIS A 86 20.72 -23.91 28.17
N ILE A 87 20.40 -24.52 29.30
CA ILE A 87 19.24 -24.17 30.10
C ILE A 87 19.81 -23.92 31.50
N ASN A 88 19.55 -22.76 32.08
CA ASN A 88 20.27 -22.31 33.27
C ASN A 88 21.77 -22.62 33.30
N ASP A 89 22.53 -22.33 32.27
CA ASP A 89 23.97 -22.63 32.18
C ASP A 89 24.37 -24.10 32.05
N GLU A 90 23.39 -24.98 31.99
CA GLU A 90 23.64 -26.39 31.84
C GLU A 90 23.45 -26.81 30.37
N PRO A 91 24.47 -27.46 29.80
CA PRO A 91 24.36 -27.93 28.46
C PRO A 91 23.22 -28.91 28.34
N TRP A 92 22.33 -28.71 27.39
CA TRP A 92 21.07 -29.40 27.39
C TRP A 92 21.10 -30.57 26.41
N THR A 93 20.61 -31.71 26.90
CA THR A 93 20.63 -32.93 26.10
C THR A 93 19.25 -33.30 25.62
N ALA A 94 18.21 -32.67 26.17
CA ALA A 94 16.80 -33.02 25.86
C ALA A 94 16.18 -32.11 24.83
N TRP A 95 16.63 -32.27 23.59
CA TRP A 95 16.11 -31.46 22.48
C TRP A 95 16.32 -32.20 21.17
N LYS A 96 15.67 -31.74 20.14
CA LYS A 96 15.95 -32.21 18.79
C LYS A 96 15.59 -31.12 17.80
N GLU A 97 16.19 -31.17 16.64
CA GLU A 97 15.85 -30.28 15.54
C GLU A 97 14.91 -31.02 14.63
N GLU A 98 13.81 -30.42 14.24
CA GLU A 98 12.98 -30.87 13.11
C GLU A 98 13.01 -29.78 12.00
N GLU A 99 12.20 -29.95 10.97
CA GLU A 99 12.01 -28.91 9.94
C GLU A 99 11.54 -27.61 10.57
N GLY A 100 12.38 -26.61 10.47
CA GLY A 100 11.99 -25.27 10.92
C GLY A 100 11.83 -25.10 12.43
N ALA A 101 12.36 -26.03 13.23
CA ALA A 101 12.20 -25.91 14.64
C ALA A 101 13.23 -26.58 15.53
N LEU A 102 13.31 -26.08 16.74
CA LEU A 102 14.14 -26.69 17.75
C LEU A 102 13.20 -26.92 18.88
N VAL A 103 13.10 -28.19 19.27
CA VAL A 103 12.10 -28.66 20.20
C VAL A 103 12.82 -29.14 21.44
N ILE A 104 12.48 -28.50 22.56
CA ILE A 104 13.21 -28.67 23.77
C ILE A 104 12.26 -29.15 24.84
N SER A 105 12.61 -30.27 25.47
CA SER A 105 11.75 -30.95 26.45
C SER A 105 12.29 -30.82 27.85
N ASN A 106 11.40 -31.10 28.82
CA ASN A 106 11.73 -31.35 30.21
C ASN A 106 12.23 -30.12 30.93
N LEU A 107 11.50 -29.03 30.72
CA LEU A 107 11.94 -27.73 31.23
C LEU A 107 11.30 -27.42 32.54
N PRO A 108 11.98 -26.67 33.42
CA PRO A 108 11.24 -26.20 34.57
C PRO A 108 10.29 -25.08 34.21
N GLU A 109 9.62 -24.52 35.24
CA GLU A 109 8.68 -23.45 35.00
C GLU A 109 9.29 -22.16 34.61
N ARG A 110 10.46 -21.85 35.16
CA ARG A 110 11.18 -20.62 34.83
C ARG A 110 12.61 -20.98 34.57
N PHE A 111 13.24 -20.41 33.55
CA PHE A 111 14.62 -20.77 33.24
C PHE A 111 15.19 -19.77 32.26
N THR A 112 16.50 -19.84 32.08
CA THR A 112 17.22 -19.02 31.14
C THR A 112 17.66 -19.95 30.03
N LEU A 113 17.33 -19.59 28.79
CA LEU A 113 17.67 -20.32 27.63
C LEU A 113 18.80 -19.61 26.98
N LYS A 114 19.91 -20.32 26.68
CA LYS A 114 20.99 -19.75 25.92
C LYS A 114 21.23 -20.57 24.67
N ILE A 115 21.19 -19.88 23.52
CA ILE A 115 21.36 -20.47 22.21
C ILE A 115 22.52 -19.73 21.58
N ILE A 116 23.44 -20.47 20.96
CA ILE A 116 24.40 -19.90 20.08
C ILE A 116 24.20 -20.51 18.72
N ASN A 117 24.19 -19.68 17.70
CA ASN A 117 23.97 -20.16 16.32
C ASN A 117 24.66 -19.25 15.33
N GLU A 118 24.82 -19.76 14.11
CA GLU A 118 25.49 -19.01 13.05
C GLU A 118 24.58 -18.80 11.88
N ILE A 119 24.81 -17.69 11.19
CA ILE A 119 24.06 -17.32 9.98
C ILE A 119 24.98 -16.63 9.02
N SER A 120 24.50 -16.43 7.81
CA SER A 120 25.35 -15.98 6.73
C SER A 120 24.66 -14.91 5.88
N PRO A 121 24.87 -13.63 6.22
CA PRO A 121 24.17 -12.52 5.56
C PRO A 121 24.48 -12.40 4.08
N ALA A 122 25.73 -12.67 3.74
CA ALA A 122 26.19 -12.58 2.36
C ALA A 122 25.40 -13.57 1.50
N ALA A 123 24.95 -14.69 2.04
CA ALA A 123 24.23 -15.71 1.26
C ALA A 123 22.72 -15.45 1.18
N ASN A 124 22.25 -14.47 1.96
CA ASN A 124 20.86 -14.19 2.06
C ASN A 124 20.36 -13.31 0.88
N THR A 125 20.01 -13.95 -0.24
CA THR A 125 19.53 -13.18 -1.35
C THR A 125 18.03 -12.94 -1.21
N ALA A 126 17.35 -13.69 -0.35
CA ALA A 126 15.93 -13.50 -0.12
C ALA A 126 15.63 -12.18 0.61
N LEU A 127 16.65 -11.59 1.22
CA LEU A 127 16.54 -10.36 2.02
C LEU A 127 15.49 -10.48 3.11
N GLU A 128 15.49 -11.66 3.76
N GLU A 128 15.47 -11.64 3.75
CA GLU A 128 14.63 -11.93 4.93
CA GLU A 128 14.61 -11.93 4.90
C GLU A 128 15.50 -12.32 6.12
C GLU A 128 15.58 -12.21 6.06
N GLY A 129 15.38 -11.61 7.23
CA GLY A 129 16.33 -11.79 8.34
C GLY A 129 17.47 -10.78 8.23
N LEU A 130 18.70 -11.22 8.39
CA LEU A 130 19.86 -10.35 8.36
C LEU A 130 20.57 -10.46 7.06
N TYR A 131 20.76 -9.36 6.36
CA TYR A 131 21.33 -9.42 5.03
C TYR A 131 22.17 -8.21 4.67
N GLN A 132 22.78 -8.20 3.48
CA GLN A 132 23.56 -7.04 3.03
C GLN A 132 22.76 -6.16 2.09
N SER A 133 22.82 -4.86 2.28
CA SER A 133 22.32 -3.86 1.35
C SER A 133 23.54 -3.02 1.03
N GLY A 134 24.16 -3.30 -0.13
CA GLY A 134 25.41 -2.66 -0.51
C GLY A 134 26.48 -3.13 0.43
N ASP A 135 27.12 -2.19 1.10
CA ASP A 135 28.15 -2.54 2.09
C ASP A 135 27.56 -2.60 3.51
N ALA A 136 26.32 -2.09 3.68
CA ALA A 136 25.63 -2.22 4.96
C ALA A 136 25.05 -3.60 5.24
N LEU A 137 24.91 -3.90 6.54
CA LEU A 137 24.15 -5.03 7.02
C LEU A 137 22.91 -4.49 7.67
N CYS A 138 21.79 -5.13 7.39
CA CYS A 138 20.51 -4.70 7.98
C CYS A 138 19.51 -5.84 8.04
N THR A 139 18.42 -5.59 8.79
CA THR A 139 17.46 -6.60 9.03
C THR A 139 16.12 -6.32 8.40
N GLN A 140 15.41 -7.41 8.12
CA GLN A 140 13.93 -7.36 7.94
C GLN A 140 13.32 -8.58 8.61
N CYS A 141 12.51 -8.32 9.62
CA CYS A 141 11.94 -9.37 10.45
C CYS A 141 10.44 -9.63 10.27
N GLU A 142 9.67 -8.65 9.82
CA GLU A 142 8.24 -8.88 9.61
C GLU A 142 8.06 -9.62 8.28
N ALA A 143 7.28 -10.68 8.23
CA ALA A 143 6.50 -11.19 9.38
C ALA A 143 7.26 -12.15 10.25
N GLU A 144 8.00 -13.04 9.62
CA GLU A 144 8.60 -14.21 10.22
C GLU A 144 10.08 -14.32 9.87
N GLY A 145 10.72 -13.19 9.85
CA GLY A 145 12.12 -13.12 9.58
C GLY A 145 13.03 -13.31 10.77
N PHE A 146 12.56 -13.10 12.01
CA PHE A 146 13.50 -13.16 13.14
C PHE A 146 14.01 -14.57 13.30
N ARG A 147 13.20 -15.53 12.97
CA ARG A 147 13.60 -16.91 13.03
C ARG A 147 14.70 -17.30 12.03
N HIS A 148 15.03 -16.41 11.10
CA HIS A 148 16.22 -16.60 10.24
C HIS A 148 17.45 -16.03 10.90
N ILE A 149 17.27 -15.49 12.10
CA ILE A 149 18.39 -14.94 12.87
C ILE A 149 18.77 -15.79 14.06
N THR A 150 17.78 -16.24 14.81
CA THR A 150 18.05 -17.17 15.90
C THR A 150 16.79 -17.96 16.16
N TYR A 151 16.88 -19.05 16.91
CA TYR A 151 15.75 -19.87 17.31
C TYR A 151 14.90 -19.10 18.36
N TYR A 152 13.61 -18.90 18.05
CA TYR A 152 12.77 -18.06 18.88
C TYR A 152 11.30 -18.47 18.79
N LEU A 153 10.54 -17.91 19.71
CA LEU A 153 9.10 -17.99 19.64
C LEU A 153 8.65 -16.88 18.68
N ASP A 154 8.73 -17.12 17.37
CA ASP A 154 8.56 -16.08 16.35
C ASP A 154 7.12 -15.99 16.03
N ARG A 155 6.40 -15.38 16.97
CA ARG A 155 4.99 -15.15 16.89
C ARG A 155 4.62 -13.88 17.71
N PRO A 156 3.71 -13.07 17.22
CA PRO A 156 3.63 -11.73 17.76
C PRO A 156 2.90 -11.52 19.07
N ASP A 157 2.25 -12.56 19.58
CA ASP A 157 1.74 -12.55 20.95
C ASP A 157 2.84 -12.83 21.96
N VAL A 158 4.09 -13.06 21.55
CA VAL A 158 5.15 -13.19 22.56
C VAL A 158 5.95 -11.93 22.57
N LEU A 159 5.86 -11.14 23.65
CA LEU A 159 6.51 -9.87 23.71
C LEU A 159 7.62 -9.87 24.73
N ALA A 160 8.78 -9.34 24.39
CA ALA A 160 9.89 -9.33 25.32
C ALA A 160 10.67 -8.04 25.28
N ARG A 161 11.36 -7.74 26.37
N ARG A 161 11.39 -7.77 26.36
CA ARG A 161 12.30 -6.61 26.46
CA ARG A 161 12.33 -6.64 26.49
C ARG A 161 13.63 -7.07 25.89
C ARG A 161 13.66 -7.07 25.91
N PHE A 162 14.09 -6.41 24.83
CA PHE A 162 15.36 -6.67 24.21
C PHE A 162 16.55 -5.81 24.67
N THR A 163 17.69 -6.44 24.77
CA THR A 163 18.89 -5.68 24.77
C THR A 163 19.81 -6.30 23.77
N THR A 164 20.47 -5.46 22.99
CA THR A 164 21.15 -5.94 21.82
C THR A 164 22.62 -5.48 21.79
N LYS A 165 23.56 -6.42 21.88
CA LYS A 165 24.93 -6.04 21.76
C LYS A 165 25.47 -6.44 20.38
N ILE A 166 26.14 -5.49 19.73
CA ILE A 166 26.66 -5.66 18.39
C ILE A 166 28.19 -5.43 18.37
N ILE A 167 28.89 -6.37 17.74
CA ILE A 167 30.33 -6.33 17.67
C ILE A 167 30.72 -6.44 16.23
N ALA A 168 31.55 -5.54 15.75
CA ALA A 168 31.87 -5.49 14.33
C ALA A 168 33.20 -4.74 14.11
N ASP A 169 33.73 -4.93 12.89
CA ASP A 169 34.81 -4.15 12.37
C ASP A 169 34.46 -2.70 12.29
N LYS A 170 35.33 -1.90 12.90
CA LYS A 170 35.11 -0.47 13.09
C LYS A 170 35.19 0.33 11.79
N ILE A 171 36.12 -0.05 10.94
CA ILE A 171 36.27 0.57 9.66
C ILE A 171 35.13 0.18 8.78
N LYS A 172 34.74 -1.09 8.60
CA LYS A 172 33.54 -1.30 7.74
C LYS A 172 32.25 -0.84 8.40
N TYR A 173 32.12 -0.93 9.75
CA TYR A 173 30.85 -0.70 10.37
C TYR A 173 30.91 0.28 11.55
N PRO A 174 31.14 1.53 11.26
CA PRO A 174 31.30 2.50 12.34
C PRO A 174 29.99 2.82 13.04
N PHE A 175 28.85 2.63 12.37
CA PHE A 175 27.54 2.83 13.00
C PHE A 175 26.93 1.46 13.19
N LEU A 176 26.63 1.18 14.45
CA LEU A 176 26.01 -0.04 14.95
C LEU A 176 24.75 0.33 15.71
N LEU A 177 23.60 0.03 15.11
CA LEU A 177 22.32 0.52 15.60
C LEU A 177 21.36 -0.61 15.86
N SER A 178 20.63 -0.50 16.96
CA SER A 178 19.47 -1.38 17.18
C SER A 178 18.34 -0.56 17.87
N ASN A 179 17.20 -1.17 18.20
CA ASN A 179 16.08 -0.45 18.85
C ASN A 179 16.44 0.17 20.22
N GLY A 180 15.95 1.38 20.50
CA GLY A 180 16.02 1.96 21.86
C GLY A 180 17.18 2.91 22.03
N ASN A 181 17.86 2.83 23.17
CA ASN A 181 18.99 3.76 23.51
C ASN A 181 20.33 3.04 23.62
N ARG A 182 21.42 3.75 23.27
CA ARG A 182 22.82 3.29 23.32
C ARG A 182 23.04 3.26 24.86
N VAL A 183 23.23 2.11 25.50
CA VAL A 183 23.51 2.04 26.95
C VAL A 183 24.95 1.57 27.26
N ALA A 184 25.71 1.12 26.27
CA ALA A 184 27.08 0.70 26.52
C ALA A 184 27.84 0.65 25.23
N GLN A 185 29.18 0.72 25.36
CA GLN A 185 30.08 0.72 24.23
C GLN A 185 31.52 0.50 24.65
N GLY A 186 32.27 -0.09 23.71
CA GLY A 186 33.67 -0.45 23.92
C GLY A 186 34.47 -0.69 22.65
N GLU A 187 35.78 -0.69 22.82
CA GLU A 187 36.72 -0.99 21.77
C GLU A 187 37.36 -2.29 22.14
N LEU A 188 37.71 -3.08 21.13
CA LEU A 188 38.32 -4.38 21.32
C LEU A 188 39.63 -4.37 20.56
N GLU A 189 40.35 -5.47 20.65
CA GLU A 189 41.47 -5.67 19.77
C GLU A 189 41.02 -5.98 18.32
N ASN A 190 41.95 -5.64 17.43
CA ASN A 190 41.94 -6.06 16.03
C ASN A 190 40.94 -5.29 15.21
N GLY A 191 40.83 -4.02 15.56
CA GLY A 191 40.01 -3.07 14.88
C GLY A 191 38.49 -3.22 15.05
N ARG A 192 38.07 -3.96 16.08
N ARG A 192 38.04 -3.91 16.08
CA ARG A 192 36.65 -4.21 16.35
CA ARG A 192 36.63 -4.11 16.27
C ARG A 192 36.15 -3.27 17.45
C ARG A 192 36.13 -3.36 17.50
N HIS A 193 34.84 -3.05 17.45
CA HIS A 193 34.19 -2.34 18.54
C HIS A 193 32.77 -2.90 18.72
N TRP A 194 32.14 -2.51 19.83
CA TRP A 194 30.78 -2.87 20.09
C TRP A 194 29.96 -1.74 20.67
N VAL A 195 28.65 -1.91 20.56
CA VAL A 195 27.69 -0.98 21.07
C VAL A 195 26.52 -1.84 21.55
N GLN A 196 25.94 -1.48 22.68
CA GLN A 196 24.82 -2.22 23.19
C GLN A 196 23.65 -1.27 23.28
N TRP A 197 22.49 -1.77 22.86
CA TRP A 197 21.26 -1.02 22.84
C TRP A 197 20.22 -1.63 23.77
N GLN A 198 19.32 -0.81 24.27
CA GLN A 198 18.27 -1.33 25.10
C GLN A 198 16.96 -0.63 24.80
N ASP A 199 15.90 -1.39 24.70
CA ASP A 199 14.59 -0.82 24.36
C ASP A 199 13.68 -1.24 25.48
N PRO A 200 13.14 -0.29 26.26
CA PRO A 200 12.40 -0.64 27.47
C PRO A 200 10.99 -1.20 27.18
N PHE A 201 10.52 -1.05 25.94
CA PHE A 201 9.14 -1.49 25.68
C PHE A 201 9.14 -2.95 25.23
N PRO A 202 8.40 -3.84 25.93
CA PRO A 202 8.29 -5.18 25.33
C PRO A 202 7.75 -5.14 23.90
N LYS A 203 8.31 -6.01 23.10
CA LYS A 203 7.92 -6.11 21.72
C LYS A 203 7.96 -7.52 21.18
N PRO A 204 7.10 -7.76 20.22
CA PRO A 204 7.29 -8.98 19.43
C PRO A 204 8.52 -8.84 18.56
N CYS A 205 9.14 -9.97 18.23
CA CYS A 205 10.38 -9.95 17.50
C CYS A 205 10.25 -9.45 16.09
N TYR A 206 9.04 -9.40 15.51
CA TYR A 206 8.99 -8.84 14.10
C TYR A 206 9.45 -7.39 14.11
N LEU A 207 9.51 -6.78 15.30
CA LEU A 207 9.85 -5.40 15.38
C LEU A 207 11.31 -5.15 15.81
N PHE A 208 12.10 -6.20 15.96
CA PHE A 208 13.55 -6.10 16.14
C PHE A 208 14.14 -5.61 14.84
N ALA A 209 15.14 -4.74 15.00
CA ALA A 209 16.02 -4.30 13.89
C ALA A 209 17.48 -4.20 14.27
N LEU A 210 18.32 -4.37 13.27
CA LEU A 210 19.73 -4.09 13.46
C LEU A 210 20.29 -3.56 12.17
N VAL A 211 21.14 -2.54 12.28
CA VAL A 211 21.80 -1.95 11.12
C VAL A 211 23.27 -1.72 11.44
N ALA A 212 24.10 -2.04 10.49
CA ALA A 212 25.53 -1.82 10.68
C ALA A 212 26.08 -1.31 9.37
N GLY A 213 26.76 -0.18 9.43
CA GLY A 213 27.29 0.44 8.26
C GLY A 213 28.02 1.76 8.45
N ASP A 214 28.27 2.39 7.30
CA ASP A 214 28.76 3.74 7.20
C ASP A 214 27.70 4.64 6.54
N PHE A 215 27.45 5.78 7.15
CA PHE A 215 26.34 6.65 6.77
C PHE A 215 26.73 8.09 7.04
N ASP A 216 26.07 8.99 6.32
CA ASP A 216 25.89 10.38 6.67
C ASP A 216 24.61 10.39 7.51
N VAL A 217 24.54 11.34 8.44
CA VAL A 217 23.44 11.34 9.36
C VAL A 217 22.89 12.73 9.46
N LEU A 218 21.60 12.91 9.20
CA LEU A 218 20.97 14.22 9.36
C LEU A 218 20.37 14.21 10.74
N ARG A 219 20.71 15.18 11.58
CA ARG A 219 20.26 15.22 12.96
C ARG A 219 19.40 16.39 13.22
N ASP A 220 18.30 16.21 13.94
CA ASP A 220 17.43 17.33 14.25
C ASP A 220 16.71 16.95 15.54
N THR A 221 15.75 17.75 15.98
CA THR A 221 15.02 17.41 17.16
C THR A 221 13.60 17.82 17.02
N PHE A 222 12.73 17.24 17.84
CA PHE A 222 11.35 17.57 17.89
C PHE A 222 10.99 17.57 19.37
N THR A 223 10.26 18.57 19.79
CA THR A 223 9.82 18.69 21.18
C THR A 223 8.38 18.37 21.19
N THR A 224 8.00 17.37 21.96
CA THR A 224 6.60 16.97 21.97
C THR A 224 5.78 18.00 22.68
N ARG A 225 4.47 17.89 22.55
N ARG A 225 4.47 17.86 22.54
CA ARG A 225 3.63 18.87 23.20
CA ARG A 225 3.53 18.75 23.21
C ARG A 225 3.71 18.86 24.74
C ARG A 225 3.86 18.89 24.69
N SER A 226 4.16 17.78 25.37
CA SER A 226 4.36 17.83 26.83
C SER A 226 5.81 18.18 27.21
N GLY A 227 6.66 18.46 26.21
CA GLY A 227 8.02 18.89 26.45
C GLY A 227 9.12 17.84 26.31
N ARG A 228 8.86 16.61 25.89
CA ARG A 228 9.97 15.67 25.67
C ARG A 228 10.72 16.05 24.37
N GLU A 229 12.02 16.20 24.49
CA GLU A 229 12.86 16.50 23.39
C GLU A 229 13.30 15.19 22.75
N VAL A 230 12.90 14.98 21.50
CA VAL A 230 13.26 13.74 20.81
C VAL A 230 14.35 14.02 19.82
N ALA A 231 15.41 13.23 19.87
CA ALA A 231 16.48 13.38 18.88
C ALA A 231 16.02 12.60 17.66
N LEU A 232 16.10 13.22 16.46
CA LEU A 232 15.73 12.59 15.22
C LEU A 232 16.97 12.31 14.44
N GLU A 233 17.15 11.08 13.97
CA GLU A 233 18.34 10.76 13.16
C GLU A 233 17.96 9.96 11.89
N LEU A 234 18.35 10.51 10.75
N LEU A 234 18.25 10.56 10.73
CA LEU A 234 18.11 9.94 9.47
CA LEU A 234 18.10 9.92 9.44
C LEU A 234 19.44 9.50 8.83
C LEU A 234 19.45 9.50 8.86
N TYR A 235 19.63 8.19 8.70
CA TYR A 235 20.89 7.61 8.19
C TYR A 235 20.71 7.34 6.75
N VAL A 236 21.59 7.92 5.96
CA VAL A 236 21.57 7.73 4.49
C VAL A 236 22.96 7.42 3.99
N ASP A 237 23.07 6.87 2.77
CA ASP A 237 24.41 6.51 2.25
C ASP A 237 25.24 7.77 2.13
N ARG A 238 26.57 7.67 2.27
CA ARG A 238 27.48 8.83 2.14
C ARG A 238 27.20 9.63 0.84
N GLY A 239 27.09 10.95 0.88
CA GLY A 239 26.73 11.70 -0.33
C GLY A 239 25.27 12.13 -0.50
N ASN A 240 24.34 11.57 0.29
CA ASN A 240 22.91 11.82 0.08
C ASN A 240 22.24 12.71 1.09
N LEU A 241 23.02 13.44 1.84
CA LEU A 241 22.48 14.28 2.86
C LEU A 241 21.64 15.36 2.25
N ASP A 242 21.96 15.69 1.01
CA ASP A 242 21.21 16.67 0.21
C ASP A 242 19.79 16.21 -0.12
N ARG A 243 19.52 14.91 -0.04
CA ARG A 243 18.17 14.44 -0.39
C ARG A 243 17.33 14.13 0.87
N ALA A 244 17.83 14.51 2.05
CA ALA A 244 17.21 14.08 3.28
C ALA A 244 16.25 15.06 4.00
N PRO A 245 16.41 16.36 3.83
CA PRO A 245 15.57 17.25 4.66
C PRO A 245 14.07 17.15 4.47
N TRP A 246 13.57 16.77 3.29
CA TRP A 246 12.07 16.59 3.18
C TRP A 246 11.52 15.49 4.09
N ALA A 247 12.26 14.38 4.17
CA ALA A 247 11.86 13.26 4.98
C ALA A 247 11.87 13.64 6.45
N MET A 248 12.88 14.40 6.85
CA MET A 248 12.97 14.89 8.27
C MET A 248 11.80 15.83 8.55
N THR A 249 11.47 16.65 7.56
CA THR A 249 10.39 17.64 7.73
C THR A 249 9.09 16.88 7.84
N SER A 250 8.94 15.84 7.02
CA SER A 250 7.70 15.00 7.10
C SER A 250 7.57 14.25 8.38
N LEU A 251 8.70 13.79 8.89
CA LEU A 251 8.70 13.11 10.18
C LEU A 251 8.21 14.06 11.27
N LYS A 252 8.76 15.27 11.31
CA LYS A 252 8.26 16.23 12.28
C LYS A 252 6.80 16.56 12.07
N ASN A 253 6.39 16.76 10.83
CA ASN A 253 4.97 16.97 10.58
C ASN A 253 4.09 15.80 11.06
N SER A 254 4.60 14.60 10.85
CA SER A 254 3.92 13.37 11.32
C SER A 254 3.73 13.35 12.89
N MET A 255 4.78 13.73 13.59
CA MET A 255 4.75 13.69 15.05
C MET A 255 3.76 14.72 15.52
N LYS A 256 3.78 15.88 14.86
CA LYS A 256 2.90 16.95 15.25
C LYS A 256 1.42 16.63 14.96
N TRP A 257 1.15 16.06 13.79
CA TRP A 257 -0.24 15.74 13.47
C TRP A 257 -0.79 14.72 14.44
N ASP A 258 -0.01 13.69 14.74
CA ASP A 258 -0.53 12.67 15.62
C ASP A 258 -0.91 13.26 16.99
N GLU A 259 -0.11 14.20 17.48
CA GLU A 259 -0.46 14.98 18.68
C GLU A 259 -1.76 15.72 18.48
N GLU A 260 -1.90 16.48 17.40
CA GLU A 260 -3.08 17.33 17.26
C GLU A 260 -4.34 16.47 17.00
N ARG A 261 -4.26 15.47 16.16
CA ARG A 261 -5.45 14.79 15.72
C ARG A 261 -5.80 13.64 16.65
N PHE A 262 -4.83 12.83 17.01
CA PHE A 262 -5.07 11.69 17.86
C PHE A 262 -4.63 11.86 19.34
N GLY A 263 -4.00 12.95 19.68
CA GLY A 263 -3.50 13.09 21.07
C GLY A 263 -2.36 12.14 21.45
N LEU A 264 -1.57 11.71 20.46
CA LEU A 264 -0.51 10.73 20.69
C LEU A 264 0.89 11.30 20.57
N GLU A 265 1.76 11.03 21.56
CA GLU A 265 3.13 11.50 21.51
C GLU A 265 4.10 10.35 21.35
N TYR A 266 5.27 10.61 20.75
CA TYR A 266 6.32 9.65 20.72
C TYR A 266 6.73 9.37 22.16
N ASP A 267 7.22 8.16 22.39
CA ASP A 267 7.37 7.64 23.74
C ASP A 267 8.83 7.26 24.04
N LEU A 268 9.75 7.52 23.10
CA LEU A 268 11.19 7.33 23.31
C LEU A 268 11.97 8.66 23.14
N ASP A 269 13.27 8.51 23.32
N ASP A 269 13.27 8.69 23.42
CA ASP A 269 14.27 9.59 23.39
CA ASP A 269 14.04 9.96 23.24
C ASP A 269 14.88 9.92 22.01
C ASP A 269 14.84 10.00 21.92
N ILE A 270 14.91 8.91 21.16
CA ILE A 270 15.56 8.89 19.85
C ILE A 270 14.55 8.23 18.90
N TYR A 271 14.57 8.71 17.65
CA TYR A 271 13.81 8.18 16.56
C TYR A 271 14.82 8.12 15.41
N MET A 272 15.18 6.92 14.98
CA MET A 272 16.11 6.68 13.87
C MET A 272 15.35 6.10 12.67
N ILE A 273 15.72 6.56 11.48
CA ILE A 273 15.27 5.99 10.23
C ILE A 273 16.49 5.70 9.37
N VAL A 274 16.58 4.53 8.78
CA VAL A 274 17.74 4.23 7.95
C VAL A 274 17.22 3.96 6.55
N ALA A 275 17.79 4.66 5.59
CA ALA A 275 17.43 4.50 4.19
C ALA A 275 18.32 3.47 3.49
N VAL A 276 17.79 2.38 2.98
CA VAL A 276 18.63 1.36 2.33
C VAL A 276 18.16 1.15 0.91
N ASP A 277 19.11 0.85 0.03
CA ASP A 277 18.80 0.69 -1.38
C ASP A 277 18.22 -0.68 -1.73
N PHE A 278 18.61 -1.68 -0.95
CA PHE A 278 18.24 -3.08 -1.17
C PHE A 278 17.22 -3.52 -0.10
N PHE A 279 15.96 -3.57 -0.52
CA PHE A 279 14.84 -3.80 0.39
C PHE A 279 13.65 -4.38 -0.36
N ASN A 280 13.11 -5.47 0.15
CA ASN A 280 11.94 -6.03 -0.49
C ASN A 280 10.70 -5.16 -0.27
N MET A 281 10.77 -4.32 0.75
CA MET A 281 9.58 -3.58 1.17
C MET A 281 9.71 -2.12 0.83
N GLY A 282 8.63 -1.38 1.08
CA GLY A 282 8.70 0.05 1.10
C GLY A 282 9.30 0.66 2.36
N ALA A 283 8.87 0.22 3.53
CA ALA A 283 9.36 0.76 4.82
C ALA A 283 8.79 -0.13 5.93
N MET A 284 9.39 -0.05 7.12
CA MET A 284 9.12 -0.92 8.23
C MET A 284 9.30 -0.18 9.56
N GLU A 285 8.32 -0.37 10.44
CA GLU A 285 8.16 0.42 11.65
C GLU A 285 8.95 -0.10 12.85
N ASN A 286 10.13 -0.66 12.66
CA ASN A 286 10.83 -1.25 13.79
C ASN A 286 10.97 -0.20 14.92
N LYS A 287 10.64 -0.59 16.17
CA LYS A 287 10.47 0.43 17.25
C LYS A 287 11.71 1.31 17.35
N GLY A 288 11.55 2.60 17.09
CA GLY A 288 12.63 3.53 17.33
C GLY A 288 13.72 3.40 16.29
N LEU A 289 13.60 2.45 15.35
CA LEU A 289 14.59 2.30 14.28
C LEU A 289 13.93 1.83 13.02
N ASN A 290 13.15 2.70 12.39
CA ASN A 290 12.53 2.34 11.19
C ASN A 290 13.58 2.09 10.08
N ILE A 291 13.32 1.12 9.22
CA ILE A 291 14.16 0.91 8.06
C ILE A 291 13.25 1.13 6.88
N PHE A 292 13.73 2.00 6.01
CA PHE A 292 13.02 2.49 4.86
C PHE A 292 13.73 2.22 3.58
N ASN A 293 12.94 1.93 2.56
CA ASN A 293 13.44 1.87 1.20
C ASN A 293 13.84 3.25 0.84
N SER A 294 14.96 3.38 0.17
CA SER A 294 15.40 4.75 -0.10
C SER A 294 14.44 5.50 -1.05
N LYS A 295 13.58 4.82 -1.78
CA LYS A 295 12.58 5.56 -2.54
C LYS A 295 11.61 6.31 -1.64
N TYR A 296 11.41 5.86 -0.41
CA TYR A 296 10.55 6.66 0.42
C TYR A 296 11.31 7.57 1.38
N VAL A 297 12.52 7.97 1.02
CA VAL A 297 13.27 8.94 1.83
C VAL A 297 13.88 10.08 1.00
N LEU A 298 14.67 9.70 -0.01
CA LEU A 298 15.50 10.62 -0.77
C LEU A 298 14.72 11.42 -1.82
N ALA A 299 14.79 12.74 -1.70
CA ALA A 299 14.11 13.65 -2.62
C ALA A 299 14.88 14.95 -2.73
N ARG A 300 14.97 15.38 -3.98
CA ARG A 300 15.49 16.65 -4.36
C ARG A 300 14.65 17.09 -5.53
N THR A 301 14.54 18.39 -5.78
CA THR A 301 13.58 18.86 -6.81
C THR A 301 13.93 18.37 -8.23
N ASP A 302 15.21 18.09 -8.49
CA ASP A 302 15.61 17.65 -9.82
C ASP A 302 15.54 16.12 -10.00
N THR A 303 15.31 15.36 -8.90
CA THR A 303 15.22 13.91 -8.90
C THR A 303 13.81 13.34 -8.53
N ALA A 304 12.95 14.16 -7.93
CA ALA A 304 11.74 13.69 -7.34
C ALA A 304 10.56 14.49 -7.81
N THR A 305 9.45 13.80 -8.08
CA THR A 305 8.24 14.44 -8.49
C THR A 305 7.38 14.86 -7.28
N ASP A 306 6.41 15.72 -7.52
CA ASP A 306 5.40 16.02 -6.51
C ASP A 306 4.87 14.73 -5.92
N LYS A 307 4.56 13.77 -6.78
CA LYS A 307 4.09 12.51 -6.28
C LYS A 307 5.13 11.82 -5.35
N ASP A 308 6.41 11.84 -5.71
CA ASP A 308 7.38 11.31 -4.75
C ASP A 308 7.39 12.06 -3.40
N TYR A 309 7.28 13.36 -3.43
CA TYR A 309 7.25 14.11 -2.16
C TYR A 309 6.06 13.72 -1.30
N LEU A 310 4.87 13.60 -1.93
CA LEU A 310 3.64 13.23 -1.20
C LEU A 310 3.72 11.82 -0.64
N ASP A 311 4.38 10.94 -1.41
CA ASP A 311 4.59 9.58 -0.95
C ASP A 311 5.56 9.50 0.21
N ILE A 312 6.69 10.19 0.12
CA ILE A 312 7.59 10.22 1.24
C ILE A 312 6.80 10.69 2.46
N GLU A 313 5.98 11.72 2.32
CA GLU A 313 5.27 12.25 3.44
C GLU A 313 4.31 11.18 4.01
N ARG A 314 3.65 10.45 3.11
CA ARG A 314 2.62 9.49 3.55
C ARG A 314 3.27 8.25 4.20
N VAL A 315 4.42 7.82 3.65
CA VAL A 315 5.08 6.63 4.14
C VAL A 315 5.83 6.90 5.48
N ILE A 316 6.48 8.04 5.57
CA ILE A 316 7.13 8.43 6.83
C ILE A 316 6.06 8.51 7.88
N GLY A 317 4.96 9.12 7.55
CA GLY A 317 3.85 9.22 8.52
C GLY A 317 3.31 7.87 8.91
N HIS A 318 3.09 7.03 7.90
CA HIS A 318 2.56 5.70 8.10
C HIS A 318 3.40 4.93 9.12
N GLU A 319 4.69 4.79 8.88
CA GLU A 319 5.49 4.02 9.82
C GLU A 319 5.49 4.69 11.20
N TYR A 320 5.49 6.01 11.23
CA TYR A 320 5.45 6.72 12.48
C TYR A 320 4.15 6.42 13.20
N PHE A 321 3.02 6.38 12.49
CA PHE A 321 1.73 6.11 13.13
C PHE A 321 1.62 4.77 13.76
N HIS A 322 2.32 3.78 13.16
CA HIS A 322 2.40 2.43 13.77
C HIS A 322 3.00 2.40 15.18
N ASN A 323 3.76 3.40 15.55
CA ASN A 323 4.29 3.46 16.91
C ASN A 323 3.26 3.22 17.96
N TRP A 324 2.04 3.73 17.71
CA TRP A 324 0.86 3.39 18.54
C TRP A 324 0.05 2.23 17.99
N THR A 325 -0.34 2.31 16.73
CA THR A 325 -1.19 1.34 16.11
C THR A 325 -0.32 0.29 15.39
N GLY A 326 0.26 -0.61 16.18
CA GLY A 326 1.17 -1.62 15.72
C GLY A 326 2.20 -2.00 16.79
N ASN A 327 2.81 -1.00 17.43
CA ASN A 327 3.89 -1.26 18.38
C ASN A 327 3.37 -1.23 19.87
N ARG A 328 2.79 -0.13 20.30
CA ARG A 328 2.30 -0.03 21.67
C ARG A 328 1.13 -0.99 21.83
N VAL A 329 0.32 -1.17 20.79
CA VAL A 329 -0.65 -2.27 20.74
C VAL A 329 -0.29 -3.04 19.49
N THR A 330 0.16 -4.30 19.65
CA THR A 330 0.56 -5.12 18.52
C THR A 330 -0.52 -6.16 18.20
N CYS A 331 -0.19 -7.12 17.36
CA CYS A 331 -1.14 -8.13 16.85
C CYS A 331 -1.00 -9.43 17.56
N ARG A 332 -2.12 -10.00 18.00
CA ARG A 332 -2.09 -11.28 18.71
C ARG A 332 -1.58 -12.43 17.84
N ASP A 333 -1.88 -12.34 16.54
CA ASP A 333 -1.41 -13.36 15.59
C ASP A 333 -1.52 -12.68 14.22
N TRP A 334 -0.93 -13.28 13.21
CA TRP A 334 -0.88 -12.62 11.89
C TRP A 334 -2.20 -12.50 11.14
N PHE A 335 -3.20 -13.27 11.55
CA PHE A 335 -4.51 -13.16 10.94
C PHE A 335 -5.12 -11.83 11.32
N GLN A 336 -4.56 -11.22 12.38
CA GLN A 336 -5.01 -9.88 12.82
C GLN A 336 -4.24 -8.75 12.18
N LEU A 337 -3.50 -9.00 11.10
CA LEU A 337 -2.72 -7.93 10.45
C LEU A 337 -3.43 -6.63 10.19
N SER A 338 -4.67 -6.68 9.72
CA SER A 338 -5.41 -5.46 9.45
C SER A 338 -5.60 -4.58 10.68
N LEU A 339 -5.58 -5.17 11.86
CA LEU A 339 -5.77 -4.36 13.10
C LEU A 339 -4.80 -3.22 13.12
N LYS A 340 -3.55 -3.49 12.67
CA LYS A 340 -2.53 -2.48 12.52
C LYS A 340 -2.43 -1.82 11.12
N GLU A 341 -2.47 -2.60 10.04
CA GLU A 341 -2.25 -2.04 8.71
C GLU A 341 -3.46 -1.27 8.23
N GLY A 342 -4.67 -1.74 8.47
CA GLY A 342 -5.90 -0.98 8.02
C GLY A 342 -6.07 0.33 8.81
N LEU A 343 -5.93 0.24 10.12
CA LEU A 343 -6.00 1.38 11.01
C LEU A 343 -4.86 2.36 10.73
N THR A 344 -3.68 1.84 10.44
CA THR A 344 -2.55 2.73 10.18
C THR A 344 -2.66 3.37 8.78
N VAL A 345 -3.16 2.62 7.80
CA VAL A 345 -3.51 3.24 6.50
C VAL A 345 -4.53 4.34 6.69
N PHE A 346 -5.59 4.11 7.44
CA PHE A 346 -6.58 5.13 7.72
C PHE A 346 -5.85 6.32 8.32
N ARG A 347 -4.96 6.09 9.25
CA ARG A 347 -4.23 7.22 9.81
C ARG A 347 -3.42 7.97 8.76
N ASP A 348 -2.72 7.28 7.89
CA ASP A 348 -1.85 8.01 6.96
C ASP A 348 -2.70 8.75 5.92
N GLN A 349 -3.89 8.24 5.65
CA GLN A 349 -4.83 8.93 4.77
C GLN A 349 -5.40 10.22 5.41
N GLU A 350 -5.73 10.14 6.66
CA GLU A 350 -6.22 11.31 7.38
C GLU A 350 -5.12 12.39 7.53
N PHE A 351 -3.89 11.95 7.74
CA PHE A 351 -2.72 12.82 7.80
C PHE A 351 -2.54 13.54 6.46
N SER A 352 -2.40 12.78 5.38
CA SER A 352 -2.26 13.39 4.07
C SER A 352 -3.43 14.32 3.74
N SER A 353 -4.63 13.91 4.13
CA SER A 353 -5.84 14.68 3.86
C SER A 353 -5.96 15.96 4.65
N ASP A 354 -5.61 15.95 5.94
CA ASP A 354 -5.62 17.16 6.76
C ASP A 354 -4.54 18.09 6.24
N LEU A 355 -3.35 17.59 5.89
CA LEU A 355 -2.27 18.51 5.49
C LEU A 355 -2.42 19.03 4.08
N GLY A 356 -3.01 18.25 3.18
CA GLY A 356 -3.10 18.59 1.78
C GLY A 356 -4.55 18.79 1.40
N SER A 357 -4.92 18.27 0.24
CA SER A 357 -6.28 18.34 -0.26
C SER A 357 -7.04 17.09 0.15
N ARG A 358 -8.00 17.23 1.04
CA ARG A 358 -8.82 16.08 1.36
C ARG A 358 -9.47 15.40 0.10
N ALA A 359 -10.06 16.21 -0.75
CA ALA A 359 -10.72 15.71 -1.93
C ALA A 359 -9.77 14.95 -2.83
N VAL A 360 -8.57 15.45 -3.05
CA VAL A 360 -7.68 14.75 -3.93
C VAL A 360 -7.25 13.42 -3.30
N ASN A 361 -7.02 13.44 -1.98
CA ASN A 361 -6.68 12.19 -1.34
C ASN A 361 -7.80 11.17 -1.43
N ARG A 362 -9.06 11.59 -1.19
CA ARG A 362 -10.15 10.63 -1.15
C ARG A 362 -10.29 10.06 -2.56
N ILE A 363 -10.23 10.93 -3.55
CA ILE A 363 -10.27 10.54 -4.90
C ILE A 363 -9.28 9.45 -5.23
N ASN A 364 -7.99 9.68 -4.98
CA ASN A 364 -7.05 8.67 -5.32
C ASN A 364 -7.14 7.40 -4.50
N ASN A 365 -7.51 7.50 -3.24
CA ASN A 365 -7.68 6.28 -2.49
C ASN A 365 -8.85 5.48 -3.03
N VAL A 366 -9.89 6.17 -3.48
CA VAL A 366 -11.02 5.46 -4.07
C VAL A 366 -10.64 4.85 -5.45
N ARG A 367 -9.77 5.51 -6.22
CA ARG A 367 -9.27 4.95 -7.46
C ARG A 367 -8.65 3.59 -7.18
N THR A 368 -7.84 3.53 -6.11
CA THR A 368 -7.14 2.29 -5.74
C THR A 368 -8.14 1.24 -5.33
N MET A 369 -9.17 1.66 -4.59
CA MET A 369 -10.11 0.70 -4.10
C MET A 369 -10.85 0.08 -5.30
N ARG A 370 -11.45 0.89 -6.15
CA ARG A 370 -12.29 0.32 -7.18
C ARG A 370 -11.48 -0.33 -8.28
N GLY A 371 -10.25 0.03 -8.44
CA GLY A 371 -9.50 -0.44 -9.60
C GLY A 371 -8.47 -1.52 -9.37
N LEU A 372 -8.06 -1.69 -8.12
CA LEU A 372 -7.08 -2.69 -7.77
C LEU A 372 -7.61 -3.58 -6.67
N GLN A 373 -8.21 -2.99 -5.61
CA GLN A 373 -8.67 -3.86 -4.53
C GLN A 373 -9.88 -4.68 -4.94
N PHE A 374 -10.79 -4.10 -5.71
CA PHE A 374 -11.97 -4.87 -6.21
C PHE A 374 -11.49 -6.08 -7.04
N ALA A 375 -10.46 -5.87 -7.85
CA ALA A 375 -9.92 -6.95 -8.72
C ALA A 375 -9.42 -8.08 -7.83
N GLU A 376 -8.70 -7.74 -6.77
CA GLU A 376 -8.25 -8.75 -5.84
C GLU A 376 -9.40 -9.52 -5.23
N ASP A 377 -10.42 -8.81 -4.80
CA ASP A 377 -11.53 -9.44 -4.09
C ASP A 377 -12.41 -10.35 -5.00
N ALA A 378 -12.12 -10.40 -6.29
CA ALA A 378 -12.79 -11.37 -7.17
C ALA A 378 -11.78 -12.38 -7.74
N SER A 379 -10.54 -12.40 -7.23
CA SER A 379 -9.51 -13.21 -7.78
C SER A 379 -9.38 -14.44 -6.92
N PRO A 380 -8.59 -15.39 -7.38
CA PRO A 380 -8.36 -16.58 -6.54
C PRO A 380 -7.73 -16.27 -5.20
N MET A 381 -7.12 -15.11 -5.06
CA MET A 381 -6.45 -14.80 -3.84
C MET A 381 -7.37 -14.03 -2.88
N ALA A 382 -8.67 -13.99 -3.17
CA ALA A 382 -9.61 -13.20 -2.38
C ALA A 382 -9.60 -13.66 -0.94
N HIS A 383 -9.66 -12.73 0.01
CA HIS A 383 -9.73 -13.03 1.44
C HIS A 383 -10.42 -11.92 2.18
N PRO A 384 -10.96 -12.22 3.36
CA PRO A 384 -11.47 -11.14 4.19
C PRO A 384 -10.31 -10.33 4.79
N ILE A 385 -10.62 -9.16 5.32
CA ILE A 385 -9.57 -8.30 5.77
C ILE A 385 -8.85 -8.95 6.95
N ARG A 386 -9.59 -9.77 7.70
CA ARG A 386 -9.03 -10.73 8.66
C ARG A 386 -9.06 -12.13 8.04
N PRO A 387 -7.93 -12.55 7.44
CA PRO A 387 -7.90 -13.90 6.83
C PRO A 387 -8.19 -15.03 7.80
N ASP A 388 -8.76 -16.11 7.25
CA ASP A 388 -9.01 -17.34 7.95
C ASP A 388 -7.98 -18.43 7.70
N MET A 389 -7.28 -18.34 6.59
CA MET A 389 -6.33 -19.33 6.16
C MET A 389 -5.12 -18.70 5.47
N VAL A 390 -3.93 -19.16 5.85
CA VAL A 390 -2.76 -18.60 5.28
C VAL A 390 -1.71 -19.68 5.18
N ILE A 391 -1.05 -19.75 4.04
CA ILE A 391 0.12 -20.59 3.94
C ILE A 391 1.45 -19.80 4.09
N GLU A 392 1.64 -18.72 3.33
CA GLU A 392 2.80 -17.86 3.51
C GLU A 392 2.33 -16.44 3.88
N MET A 393 2.62 -16.02 5.10
CA MET A 393 1.99 -14.85 5.62
C MET A 393 2.47 -13.62 4.91
N ASN A 394 3.67 -13.66 4.31
CA ASN A 394 4.08 -12.49 3.51
C ASN A 394 3.27 -12.28 2.26
N ASN A 395 2.46 -13.25 1.84
CA ASN A 395 1.49 -13.05 0.76
C ASN A 395 0.28 -12.24 1.19
N PHE A 396 0.12 -11.95 2.47
CA PHE A 396 -1.12 -11.30 2.91
C PHE A 396 -1.00 -9.81 3.32
N TYR A 397 0.08 -9.19 2.87
CA TYR A 397 0.25 -7.77 2.94
C TYR A 397 -0.34 -7.18 1.67
N THR A 398 -1.66 -7.19 1.65
CA THR A 398 -2.44 -6.98 0.46
C THR A 398 -3.24 -5.69 0.39
N LEU A 399 -3.64 -5.42 -0.83
CA LEU A 399 -4.60 -4.38 -1.08
C LEU A 399 -5.85 -4.55 -0.22
N THR A 400 -6.25 -5.78 0.05
CA THR A 400 -7.40 -6.03 0.86
C THR A 400 -7.10 -5.68 2.34
N VAL A 401 -6.06 -6.27 2.88
CA VAL A 401 -5.73 -5.99 4.27
C VAL A 401 -5.51 -4.51 4.58
N TYR A 402 -4.83 -3.84 3.67
CA TYR A 402 -4.47 -2.42 3.78
C TYR A 402 -5.63 -1.48 3.41
N GLU A 403 -6.08 -1.52 2.17
CA GLU A 403 -6.98 -0.46 1.67
C GLU A 403 -8.40 -0.75 2.02
N LYS A 404 -8.88 -1.95 1.77
CA LYS A 404 -10.23 -2.25 2.28
C LYS A 404 -10.19 -2.21 3.82
N GLY A 405 -9.07 -2.67 4.41
CA GLY A 405 -8.92 -2.54 5.90
C GLY A 405 -9.25 -1.12 6.34
N ALA A 406 -8.65 -0.17 5.68
CA ALA A 406 -8.82 1.24 6.02
C ALA A 406 -10.23 1.73 5.77
N GLU A 407 -10.83 1.25 4.67
CA GLU A 407 -12.21 1.59 4.38
C GLU A 407 -13.11 1.07 5.49
N VAL A 408 -12.81 -0.09 6.03
CA VAL A 408 -13.57 -0.59 7.14
C VAL A 408 -13.41 0.29 8.40
N ILE A 409 -12.20 0.75 8.67
CA ILE A 409 -12.02 1.74 9.75
C ILE A 409 -12.82 3.00 9.51
N ARG A 410 -12.74 3.46 8.25
CA ARG A 410 -13.45 4.67 7.86
C ARG A 410 -14.96 4.54 8.02
N MET A 411 -15.51 3.35 7.73
CA MET A 411 -16.95 3.13 7.95
C MET A 411 -17.25 3.24 9.44
N ILE A 412 -16.38 2.70 10.30
CA ILE A 412 -16.62 2.82 11.74
C ILE A 412 -16.65 4.30 12.06
N HIS A 413 -15.72 5.04 11.49
CA HIS A 413 -15.68 6.49 11.68
C HIS A 413 -16.94 7.18 11.17
N THR A 414 -17.46 6.70 10.04
CA THR A 414 -18.63 7.29 9.47
C THR A 414 -19.83 7.01 10.39
N LEU A 415 -19.93 5.81 10.95
CA LEU A 415 -21.03 5.50 11.85
C LEU A 415 -20.94 6.23 13.20
N LEU A 416 -19.74 6.48 13.69
CA LEU A 416 -19.61 7.01 15.06
C LEU A 416 -19.48 8.53 15.16
N GLY A 417 -19.00 9.13 14.09
CA GLY A 417 -18.52 10.53 14.09
C GLY A 417 -17.14 10.62 14.74
N GLU A 418 -16.44 11.70 14.49
CA GLU A 418 -15.07 11.95 14.98
C GLU A 418 -14.97 11.83 16.49
N GLU A 419 -15.86 12.47 17.22
CA GLU A 419 -15.70 12.51 18.67
C GLU A 419 -15.79 11.09 19.26
N ASN A 420 -16.87 10.37 18.91
CA ASN A 420 -16.97 9.00 19.33
C ASN A 420 -15.83 8.08 18.83
N PHE A 421 -15.34 8.32 17.60
CA PHE A 421 -14.26 7.54 17.06
C PHE A 421 -13.02 7.73 17.95
N GLN A 422 -12.79 8.96 18.37
CA GLN A 422 -11.61 9.26 19.19
C GLN A 422 -11.76 8.64 20.57
N LYS A 423 -12.99 8.61 21.06
CA LYS A 423 -13.20 7.94 22.34
C LYS A 423 -12.89 6.47 22.24
N GLY A 424 -13.26 5.85 21.14
CA GLY A 424 -12.98 4.45 20.98
C GLY A 424 -11.49 4.18 20.83
N MET A 425 -10.81 5.03 20.06
CA MET A 425 -9.31 4.99 20.03
C MET A 425 -8.76 5.06 21.47
N GLN A 426 -9.25 5.99 22.26
CA GLN A 426 -8.74 6.14 23.64
C GLN A 426 -8.95 4.91 24.51
N LEU A 427 -10.14 4.29 24.35
CA LEU A 427 -10.46 3.08 25.09
C LEU A 427 -9.63 1.89 24.56
N TYR A 428 -9.44 1.85 23.25
CA TYR A 428 -8.57 0.81 22.67
C TYR A 428 -7.21 0.85 23.35
N PHE A 429 -6.60 2.01 23.44
CA PHE A 429 -5.25 2.11 24.05
C PHE A 429 -5.27 1.85 25.54
N GLU A 430 -6.30 2.33 26.19
CA GLU A 430 -6.40 2.19 27.64
C GLU A 430 -6.50 0.73 28.00
N ARG A 431 -7.24 -0.04 27.20
CA ARG A 431 -7.33 -1.45 27.44
C ARG A 431 -6.09 -2.30 27.01
N HIS A 432 -5.45 -1.94 25.91
CA HIS A 432 -4.56 -2.86 25.23
C HIS A 432 -3.13 -2.37 25.09
N ASP A 433 -2.84 -1.15 25.54
CA ASP A 433 -1.48 -0.65 25.60
C ASP A 433 -0.59 -1.67 26.23
N GLY A 434 0.43 -2.10 25.52
CA GLY A 434 1.46 -2.97 26.13
C GLY A 434 1.18 -4.44 25.86
N SER A 435 0.16 -4.71 25.08
CA SER A 435 -0.18 -6.07 24.80
C SER A 435 -0.46 -6.30 23.28
N ALA A 436 -0.74 -7.54 22.90
CA ALA A 436 -1.06 -7.91 21.54
C ALA A 436 -2.56 -8.20 21.48
N ALA A 437 -3.25 -7.56 20.55
CA ALA A 437 -4.71 -7.58 20.51
C ALA A 437 -5.21 -8.16 19.20
N THR A 438 -6.52 -8.21 19.10
CA THR A 438 -7.23 -8.69 17.93
C THR A 438 -8.11 -7.63 17.27
N CYS A 439 -8.45 -7.82 15.99
CA CYS A 439 -9.44 -6.97 15.33
C CYS A 439 -10.68 -6.85 16.23
N ASP A 440 -11.16 -7.96 16.73
CA ASP A 440 -12.37 -7.95 17.53
C ASP A 440 -12.19 -7.08 18.78
N ASP A 441 -10.99 -7.08 19.39
CA ASP A 441 -10.74 -6.14 20.49
C ASP A 441 -11.00 -4.69 20.11
N PHE A 442 -10.51 -4.29 18.92
CA PHE A 442 -10.60 -2.94 18.43
C PHE A 442 -12.07 -2.56 18.21
N VAL A 443 -12.81 -3.46 17.53
CA VAL A 443 -14.23 -3.20 17.32
C VAL A 443 -14.95 -3.07 18.65
N GLN A 444 -14.64 -3.98 19.56
CA GLN A 444 -15.27 -3.91 20.84
C GLN A 444 -15.05 -2.55 21.54
N ALA A 445 -13.83 -2.03 21.50
CA ALA A 445 -13.61 -0.74 22.13
C ALA A 445 -14.41 0.37 21.53
N MET A 446 -14.51 0.38 20.20
CA MET A 446 -15.25 1.41 19.53
C MET A 446 -16.71 1.34 19.93
N GLU A 447 -17.25 0.14 19.96
CA GLU A 447 -18.60 -0.15 20.40
C GLU A 447 -18.89 0.27 21.86
N ASP A 448 -18.08 -0.18 22.79
CA ASP A 448 -18.23 0.17 24.20
C ASP A 448 -18.04 1.65 24.44
N ALA A 449 -17.09 2.31 23.75
CA ALA A 449 -16.89 3.73 23.98
C ALA A 449 -18.01 4.58 23.38
N SER A 450 -18.55 4.15 22.24
CA SER A 450 -19.51 4.94 21.54
C SER A 450 -20.95 4.59 21.91
N ASN A 451 -21.20 3.39 22.42
CA ASN A 451 -22.56 2.87 22.51
C ASN A 451 -23.23 2.69 21.12
N VAL A 452 -22.48 2.66 20.03
CA VAL A 452 -23.06 2.18 18.76
C VAL A 452 -22.83 0.69 18.70
N ASP A 453 -23.88 -0.05 18.34
CA ASP A 453 -23.87 -1.51 18.20
C ASP A 453 -23.13 -1.91 16.91
N LEU A 454 -22.03 -2.61 17.05
CA LEU A 454 -21.23 -2.99 15.89
C LEU A 454 -21.16 -4.50 15.74
N SER A 455 -22.11 -5.22 16.33
CA SER A 455 -22.23 -6.68 16.16
C SER A 455 -22.31 -7.16 14.75
N HIS A 456 -23.19 -6.55 13.99
CA HIS A 456 -23.42 -6.98 12.65
C HIS A 456 -22.25 -6.45 11.80
N PHE A 457 -21.79 -5.26 12.16
CA PHE A 457 -20.67 -4.63 11.50
C PHE A 457 -19.42 -5.54 11.44
N ARG A 458 -19.17 -6.32 12.50
CA ARG A 458 -18.01 -7.24 12.54
C ARG A 458 -17.96 -8.17 11.33
N ARG A 459 -19.12 -8.39 10.66
CA ARG A 459 -19.08 -9.27 9.51
C ARG A 459 -18.21 -8.71 8.36
N TRP A 460 -17.94 -7.43 8.36
CA TRP A 460 -16.93 -6.90 7.42
C TRP A 460 -15.50 -7.51 7.63
N TYR A 461 -15.22 -8.04 8.81
CA TYR A 461 -13.90 -8.67 9.06
C TYR A 461 -13.80 -10.11 8.59
N SER A 462 -14.96 -10.79 8.47
CA SER A 462 -14.95 -12.19 8.12
C SER A 462 -15.44 -12.56 6.78
N GLN A 463 -15.98 -11.60 6.05
CA GLN A 463 -16.56 -11.90 4.74
C GLN A 463 -15.77 -11.20 3.65
N SER A 464 -15.24 -11.97 2.72
CA SER A 464 -14.54 -11.44 1.57
C SER A 464 -15.49 -11.03 0.44
N GLY A 465 -14.92 -10.45 -0.60
CA GLY A 465 -15.62 -10.04 -1.79
C GLY A 465 -16.30 -8.68 -1.64
N THR A 466 -16.63 -8.11 -2.78
CA THR A 466 -17.17 -6.78 -2.88
C THR A 466 -18.70 -6.83 -2.95
N PRO A 467 -19.38 -6.27 -1.95
CA PRO A 467 -20.87 -6.19 -2.07
C PRO A 467 -21.33 -5.32 -3.27
N ILE A 468 -22.41 -5.74 -3.92
CA ILE A 468 -23.16 -4.95 -4.91
C ILE A 468 -24.39 -4.36 -4.28
N VAL A 469 -24.49 -3.03 -4.27
CA VAL A 469 -25.61 -2.33 -3.70
C VAL A 469 -26.42 -1.70 -4.82
N THR A 470 -27.67 -2.17 -4.92
CA THR A 470 -28.51 -1.79 -6.04
C THR A 470 -29.56 -0.76 -5.50
N VAL A 471 -29.72 0.38 -6.16
CA VAL A 471 -30.64 1.38 -5.68
C VAL A 471 -31.73 1.68 -6.73
N LYS A 472 -32.97 1.74 -6.30
CA LYS A 472 -34.10 2.18 -7.12
C LYS A 472 -34.80 3.29 -6.35
N ASP A 473 -35.31 4.28 -7.09
CA ASP A 473 -35.98 5.38 -6.47
C ASP A 473 -37.29 5.70 -7.10
N ASP A 474 -38.02 6.53 -6.39
CA ASP A 474 -39.34 6.95 -6.74
C ASP A 474 -39.65 8.27 -6.04
N TYR A 475 -40.19 9.23 -6.79
CA TYR A 475 -40.68 10.48 -6.26
C TYR A 475 -42.16 10.56 -6.43
N ASN A 476 -42.82 10.89 -5.32
CA ASN A 476 -44.27 10.99 -5.26
C ASN A 476 -44.68 12.41 -5.04
N PRO A 477 -45.20 13.04 -6.10
CA PRO A 477 -45.47 14.47 -5.98
C PRO A 477 -46.72 14.77 -5.17
N GLU A 478 -47.66 13.84 -5.09
CA GLU A 478 -48.82 14.03 -4.17
C GLU A 478 -48.42 14.15 -2.68
N THR A 479 -47.48 13.34 -2.21
CA THR A 479 -47.14 13.33 -0.79
C THR A 479 -45.81 14.00 -0.50
N GLU A 480 -45.13 14.46 -1.56
CA GLU A 480 -43.78 14.96 -1.44
C GLU A 480 -42.82 14.00 -0.74
N GLN A 481 -42.90 12.75 -1.12
CA GLN A 481 -42.06 11.70 -0.59
C GLN A 481 -41.16 11.13 -1.64
N TYR A 482 -39.90 10.94 -1.26
CA TYR A 482 -38.91 10.25 -2.03
C TYR A 482 -38.62 8.98 -1.31
N THR A 483 -38.65 7.91 -2.08
CA THR A 483 -38.48 6.56 -1.58
C THR A 483 -37.28 5.93 -2.26
N LEU A 484 -36.37 5.36 -1.45
CA LEU A 484 -35.20 4.60 -1.88
C LEU A 484 -35.37 3.19 -1.45
N THR A 485 -35.31 2.32 -2.44
CA THR A 485 -35.29 0.90 -2.27
C THR A 485 -33.88 0.41 -2.52
N ILE A 486 -33.21 -0.04 -1.46
CA ILE A 486 -31.82 -0.40 -1.57
C ILE A 486 -31.65 -1.87 -1.34
N SER A 487 -30.91 -2.53 -2.19
CA SER A 487 -30.73 -3.94 -1.95
C SER A 487 -29.26 -4.26 -2.03
N GLN A 488 -28.80 -5.36 -1.43
CA GLN A 488 -27.34 -5.73 -1.46
C GLN A 488 -27.22 -7.17 -1.71
N ARG A 489 -26.10 -7.59 -2.26
CA ARG A 489 -25.74 -8.99 -2.21
C ARG A 489 -24.23 -9.01 -2.44
N THR A 490 -23.52 -10.01 -1.94
CA THR A 490 -22.11 -10.20 -2.32
C THR A 490 -22.04 -11.53 -3.07
N PRO A 491 -21.54 -11.56 -4.28
CA PRO A 491 -21.38 -12.87 -4.93
C PRO A 491 -20.39 -13.78 -4.23
N ALA A 492 -20.56 -15.07 -4.42
CA ALA A 492 -19.61 -16.05 -3.91
C ALA A 492 -18.20 -15.73 -4.36
N THR A 493 -17.25 -16.05 -3.53
CA THR A 493 -15.85 -15.86 -3.97
C THR A 493 -15.14 -17.19 -3.95
N PRO A 494 -13.95 -17.26 -4.58
CA PRO A 494 -13.21 -18.56 -4.60
C PRO A 494 -12.96 -19.13 -3.22
N ASP A 495 -12.84 -18.25 -2.21
CA ASP A 495 -12.56 -18.71 -0.84
C ASP A 495 -13.79 -18.96 0.02
N GLN A 496 -14.96 -18.44 -0.36
CA GLN A 496 -16.14 -18.55 0.49
C GLN A 496 -17.38 -18.73 -0.38
N ALA A 497 -18.11 -19.79 -0.11
CA ALA A 497 -19.36 -20.04 -0.81
C ALA A 497 -20.58 -19.40 -0.11
N GLU A 498 -20.47 -19.01 1.14
CA GLU A 498 -21.62 -18.52 1.86
C GLU A 498 -21.35 -17.04 2.03
N LYS A 499 -22.35 -16.23 1.72
CA LYS A 499 -22.29 -14.82 2.00
C LYS A 499 -23.54 -14.37 2.69
N GLN A 500 -23.43 -13.32 3.48
CA GLN A 500 -24.59 -12.71 4.12
C GLN A 500 -24.58 -11.22 4.00
N PRO A 501 -25.71 -10.58 4.27
CA PRO A 501 -25.75 -9.12 4.28
C PRO A 501 -24.84 -8.46 5.30
N LEU A 502 -24.33 -7.29 4.96
CA LEU A 502 -23.45 -6.54 5.85
C LEU A 502 -24.19 -5.31 6.34
N HIS A 503 -23.57 -4.61 7.28
CA HIS A 503 -24.07 -3.36 7.81
C HIS A 503 -23.31 -2.31 7.02
N ILE A 504 -24.02 -1.77 6.03
CA ILE A 504 -23.46 -0.85 5.05
C ILE A 504 -23.89 0.54 5.35
N PRO A 505 -22.93 1.40 5.77
CA PRO A 505 -23.24 2.82 5.92
C PRO A 505 -23.32 3.50 4.59
N PHE A 506 -24.51 4.05 4.33
CA PHE A 506 -24.88 4.45 2.98
C PHE A 506 -25.33 5.91 2.97
N ALA A 507 -24.37 6.80 2.68
CA ALA A 507 -24.53 8.23 2.84
C ALA A 507 -25.18 8.79 1.58
N ILE A 508 -26.15 9.67 1.76
CA ILE A 508 -26.88 10.31 0.66
C ILE A 508 -27.04 11.79 0.90
N GLU A 509 -27.16 12.53 -0.20
CA GLU A 509 -27.66 13.90 -0.23
C GLU A 509 -28.66 14.01 -1.37
N LEU A 510 -29.68 14.85 -1.17
CA LEU A 510 -30.71 15.07 -2.13
C LEU A 510 -30.64 16.50 -2.57
N TYR A 511 -30.49 16.73 -3.86
CA TYR A 511 -30.42 18.06 -4.41
C TYR A 511 -31.68 18.51 -5.12
N ASP A 512 -32.07 19.76 -4.85
CA ASP A 512 -33.20 20.40 -5.55
C ASP A 512 -32.79 21.02 -6.87
N ASN A 513 -33.76 21.62 -7.57
CA ASN A 513 -33.46 22.09 -8.95
C ASN A 513 -32.60 23.31 -8.99
N GLU A 514 -32.31 23.91 -7.84
CA GLU A 514 -31.32 24.99 -7.79
C GLU A 514 -29.93 24.55 -7.33
N GLY A 515 -29.73 23.28 -7.01
CA GLY A 515 -28.42 22.81 -6.59
C GLY A 515 -28.29 22.84 -5.08
N LYS A 516 -29.40 23.03 -4.37
CA LYS A 516 -29.39 23.08 -2.91
C LYS A 516 -29.76 21.76 -2.30
N VAL A 517 -29.21 21.52 -1.13
CA VAL A 517 -29.53 20.32 -0.39
C VAL A 517 -30.89 20.45 0.29
N ILE A 518 -31.71 19.42 0.10
CA ILE A 518 -32.98 19.27 0.72
C ILE A 518 -32.77 18.60 2.08
N PRO A 519 -33.25 19.22 3.16
CA PRO A 519 -33.12 18.55 4.46
C PRO A 519 -33.78 17.16 4.48
N LEU A 520 -33.05 16.20 5.04
CA LEU A 520 -33.60 14.86 5.15
C LEU A 520 -34.50 14.80 6.35
N GLN A 521 -35.71 14.32 6.17
CA GLN A 521 -36.62 14.24 7.26
C GLN A 521 -37.72 13.18 7.07
N LYS A 522 -38.31 12.72 8.18
CA LYS A 522 -39.41 11.77 8.14
C LYS A 522 -40.36 12.13 9.27
N GLY A 523 -41.65 12.30 8.97
CA GLY A 523 -42.66 12.52 9.99
C GLY A 523 -42.34 13.68 10.89
N GLY A 524 -41.81 14.75 10.32
CA GLY A 524 -41.44 15.97 11.07
C GLY A 524 -40.23 15.86 11.99
N HIS A 525 -39.31 14.98 11.64
CA HIS A 525 -38.06 14.78 12.39
C HIS A 525 -36.87 14.66 11.42
N PRO A 526 -35.76 15.36 11.70
CA PRO A 526 -34.59 15.10 10.90
C PRO A 526 -34.20 13.62 10.91
N VAL A 527 -33.56 13.21 9.83
CA VAL A 527 -33.09 11.89 9.67
C VAL A 527 -31.59 12.01 9.36
N ASN A 528 -30.83 11.10 9.93
CA ASN A 528 -29.41 11.05 9.67
C ASN A 528 -29.20 10.73 8.17
N SER A 529 -28.24 11.36 7.54
CA SER A 529 -28.07 11.14 6.10
C SER A 529 -27.17 9.96 5.81
N VAL A 530 -26.63 9.31 6.85
CA VAL A 530 -25.96 8.03 6.73
C VAL A 530 -26.99 6.96 7.01
N LEU A 531 -27.47 6.30 5.96
CA LEU A 531 -28.46 5.28 6.15
C LEU A 531 -27.83 3.94 6.52
N ASN A 532 -28.47 3.22 7.44
CA ASN A 532 -28.02 1.90 7.82
C ASN A 532 -28.64 0.82 6.97
N VAL A 533 -27.91 0.38 5.97
CA VAL A 533 -28.39 -0.62 5.07
C VAL A 533 -27.88 -1.92 5.67
N THR A 534 -28.77 -2.63 6.36
CA THR A 534 -28.41 -3.85 7.06
C THR A 534 -29.11 -5.11 6.58
N GLN A 535 -30.05 -5.00 5.65
CA GLN A 535 -30.79 -6.17 5.14
C GLN A 535 -30.49 -6.38 3.67
N ALA A 536 -30.95 -7.51 3.13
CA ALA A 536 -30.82 -7.86 1.72
C ALA A 536 -31.60 -6.85 0.90
N GLU A 537 -32.72 -6.39 1.46
CA GLU A 537 -33.56 -5.40 0.79
C GLU A 537 -34.31 -4.56 1.84
N GLN A 538 -34.36 -3.25 1.63
N GLN A 538 -34.43 -3.27 1.59
CA GLN A 538 -34.82 -2.29 2.65
CA GLN A 538 -35.16 -2.44 2.50
C GLN A 538 -35.32 -1.04 1.91
C GLN A 538 -35.56 -1.21 1.76
N THR A 539 -36.40 -0.43 2.40
CA THR A 539 -36.92 0.81 1.85
C THR A 539 -36.78 1.96 2.84
N PHE A 540 -36.32 3.09 2.36
CA PHE A 540 -36.33 4.28 3.17
C PHE A 540 -37.19 5.29 2.48
N VAL A 541 -37.98 6.01 3.29
CA VAL A 541 -38.91 7.03 2.81
C VAL A 541 -38.59 8.34 3.46
N PHE A 542 -38.42 9.35 2.63
CA PHE A 542 -38.24 10.72 3.08
C PHE A 542 -39.43 11.61 2.72
N ASP A 543 -39.75 12.52 3.67
N ASP A 543 -39.80 12.53 3.61
CA ASP A 543 -40.89 13.44 3.60
CA ASP A 543 -40.89 13.45 3.30
C ASP A 543 -40.42 14.88 3.32
C ASP A 543 -40.43 14.89 3.31
N ASN A 544 -41.37 15.77 2.97
CA ASN A 544 -41.07 17.18 2.74
C ASN A 544 -39.98 17.37 1.68
N VAL A 545 -40.00 16.46 0.71
CA VAL A 545 -39.06 16.55 -0.40
C VAL A 545 -39.80 17.35 -1.48
N TYR A 546 -39.58 18.65 -1.49
CA TYR A 546 -40.47 19.64 -2.10
C TYR A 546 -40.24 19.74 -3.62
N PHE A 547 -39.21 19.03 -4.13
CA PHE A 547 -38.94 18.99 -5.53
C PHE A 547 -38.28 17.65 -5.83
N GLN A 548 -38.45 17.14 -7.05
CA GLN A 548 -37.90 15.86 -7.42
C GLN A 548 -36.37 15.87 -7.31
N PRO A 549 -35.78 14.96 -6.52
CA PRO A 549 -34.36 15.23 -6.24
C PRO A 549 -33.41 14.61 -7.25
N VAL A 550 -32.26 15.23 -7.45
CA VAL A 550 -31.09 14.51 -7.96
C VAL A 550 -30.31 14.01 -6.75
N PRO A 551 -30.15 12.69 -6.63
CA PRO A 551 -29.41 12.20 -5.48
C PRO A 551 -27.94 12.03 -5.75
N ALA A 552 -27.16 12.29 -4.72
CA ALA A 552 -25.80 11.85 -4.61
C ALA A 552 -25.84 10.68 -3.62
N LEU A 553 -25.41 9.53 -4.13
CA LEU A 553 -25.51 8.25 -3.51
C LEU A 553 -24.10 7.74 -3.11
N LEU A 554 -24.02 7.07 -1.98
CA LEU A 554 -22.74 6.50 -1.49
C LEU A 554 -21.67 7.62 -1.40
N CYS A 555 -22.13 8.77 -0.86
CA CYS A 555 -21.30 9.97 -0.75
C CYS A 555 -19.92 9.71 -0.13
N GLU A 556 -18.89 10.21 -0.80
CA GLU A 556 -17.53 10.04 -0.38
C GLU A 556 -17.12 8.59 -0.30
N PHE A 557 -17.81 7.75 -1.09
CA PHE A 557 -17.61 6.30 -1.09
C PHE A 557 -17.74 5.78 0.31
N SER A 558 -18.98 5.86 0.85
CA SER A 558 -19.25 5.66 2.25
C SER A 558 -19.11 4.21 2.73
N ALA A 559 -19.06 3.30 1.78
CA ALA A 559 -18.82 1.86 1.99
C ALA A 559 -18.15 1.32 0.72
N PRO A 560 -17.31 0.32 0.88
CA PRO A 560 -16.48 -0.21 -0.21
C PRO A 560 -17.26 -1.23 -0.98
N VAL A 561 -18.14 -0.72 -1.83
CA VAL A 561 -19.16 -1.53 -2.54
C VAL A 561 -19.27 -1.05 -3.98
N LYS A 562 -19.79 -1.88 -4.90
CA LYS A 562 -20.18 -1.48 -6.26
C LYS A 562 -21.58 -0.92 -6.24
N LEU A 563 -21.76 0.28 -6.72
CA LEU A 563 -23.08 0.91 -6.71
C LEU A 563 -23.72 0.63 -8.02
N GLU A 564 -24.94 0.12 -8.03
CA GLU A 564 -25.71 -0.03 -9.26
C GLU A 564 -26.93 0.87 -9.18
N TYR A 565 -26.92 1.96 -9.93
CA TYR A 565 -28.02 2.89 -10.02
C TYR A 565 -28.07 3.42 -11.42
N LYS A 566 -29.29 3.63 -11.89
CA LYS A 566 -29.54 3.99 -13.29
C LYS A 566 -29.48 5.50 -13.49
N TRP A 567 -28.29 6.06 -13.39
CA TRP A 567 -28.05 7.46 -13.56
C TRP A 567 -28.46 7.91 -14.95
N SER A 568 -29.01 9.13 -15.10
CA SER A 568 -28.99 9.76 -16.41
C SER A 568 -27.72 10.62 -16.54
N ASP A 569 -27.33 10.89 -17.79
CA ASP A 569 -26.22 11.80 -18.03
C ASP A 569 -26.40 13.15 -17.40
N GLN A 570 -27.61 13.71 -17.56
CA GLN A 570 -27.95 15.04 -17.00
C GLN A 570 -27.90 15.07 -15.47
N GLN A 571 -28.36 14.01 -14.81
CA GLN A 571 -28.15 13.95 -13.36
C GLN A 571 -26.65 14.03 -13.05
N LEU A 572 -25.81 13.34 -13.81
CA LEU A 572 -24.40 13.28 -13.48
C LEU A 572 -23.77 14.62 -13.72
N THR A 573 -24.06 15.24 -14.86
CA THR A 573 -23.52 16.58 -15.13
C THR A 573 -24.05 17.62 -14.13
N PHE A 574 -25.28 17.46 -13.70
CA PHE A 574 -25.79 18.37 -12.69
C PHE A 574 -24.97 18.25 -11.37
N LEU A 575 -24.62 17.01 -11.01
CA LEU A 575 -23.77 16.79 -9.80
C LEU A 575 -22.36 17.32 -9.99
N MET A 576 -21.85 17.22 -11.22
CA MET A 576 -20.53 17.81 -11.53
C MET A 576 -20.51 19.29 -11.23
N ARG A 577 -21.65 19.94 -11.47
CA ARG A 577 -21.82 21.38 -11.25
C ARG A 577 -22.20 21.72 -9.83
N HIS A 578 -23.10 20.99 -9.19
CA HIS A 578 -23.61 21.45 -7.92
C HIS A 578 -23.28 20.69 -6.69
N ALA A 579 -22.70 19.51 -6.78
CA ALA A 579 -22.51 18.71 -5.56
C ALA A 579 -21.68 19.47 -4.55
N ARG A 580 -22.04 19.37 -3.29
CA ARG A 580 -21.37 20.06 -2.16
C ARG A 580 -19.93 19.63 -1.95
N ASN A 581 -19.66 18.34 -2.01
CA ASN A 581 -18.34 17.85 -1.77
C ASN A 581 -17.66 17.63 -3.09
N ASP A 582 -16.44 18.09 -3.17
CA ASP A 582 -15.68 17.95 -4.39
C ASP A 582 -15.48 16.53 -4.85
N PHE A 583 -15.37 15.60 -3.90
CA PHE A 583 -15.27 14.17 -4.25
C PHE A 583 -16.48 13.77 -5.11
N SER A 584 -17.66 14.23 -4.74
CA SER A 584 -18.88 13.80 -5.42
C SER A 584 -18.90 14.33 -6.86
N ARG A 585 -18.25 15.47 -7.07
CA ARG A 585 -18.18 16.06 -8.40
C ARG A 585 -17.32 15.20 -9.29
N TRP A 586 -16.17 14.78 -8.75
CA TRP A 586 -15.30 13.85 -9.45
C TRP A 586 -16.00 12.51 -9.69
N ASP A 587 -16.64 11.99 -8.66
CA ASP A 587 -17.29 10.69 -8.75
C ASP A 587 -18.38 10.66 -9.83
N ALA A 588 -19.17 11.72 -9.91
CA ALA A 588 -20.20 11.84 -10.93
C ALA A 588 -19.57 11.79 -12.33
N ALA A 589 -18.47 12.49 -12.49
CA ALA A 589 -17.80 12.47 -13.73
C ALA A 589 -17.29 11.09 -14.10
N GLN A 590 -16.91 10.27 -13.09
CA GLN A 590 -16.45 8.88 -13.32
C GLN A 590 -17.61 7.98 -13.79
N SER A 591 -18.75 8.15 -13.12
CA SER A 591 -19.95 7.48 -13.52
C SER A 591 -20.37 7.93 -14.93
N LEU A 592 -20.14 9.19 -15.26
CA LEU A 592 -20.50 9.66 -16.57
C LEU A 592 -19.60 8.95 -17.57
N LEU A 593 -18.31 8.91 -17.33
CA LEU A 593 -17.41 8.28 -18.27
C LEU A 593 -17.57 6.75 -18.45
N ALA A 594 -17.94 6.11 -17.36
CA ALA A 594 -18.02 4.70 -17.29
C ALA A 594 -18.93 4.14 -18.35
N THR A 595 -20.07 4.77 -18.49
CA THR A 595 -21.01 4.37 -19.50
C THR A 595 -20.38 4.37 -20.91
N TYR A 596 -19.54 5.35 -21.18
CA TYR A 596 -18.95 5.53 -22.50
C TYR A 596 -17.66 4.73 -22.67
N ILE A 597 -17.04 4.32 -21.55
CA ILE A 597 -15.87 3.44 -21.65
C ILE A 597 -16.32 2.05 -22.11
N LYS A 598 -17.40 1.60 -21.52
CA LYS A 598 -17.99 0.34 -21.82
C LYS A 598 -18.50 0.32 -23.25
N LEU A 599 -19.26 1.34 -23.59
CA LEU A 599 -19.68 1.49 -24.95
C LEU A 599 -18.50 1.31 -25.91
N ASN A 600 -17.42 2.04 -25.65
CA ASN A 600 -16.40 2.09 -26.65
C ASN A 600 -15.48 0.85 -26.70
N VAL A 601 -15.40 0.12 -25.57
CA VAL A 601 -14.68 -1.15 -25.57
C VAL A 601 -15.42 -2.16 -26.44
N ALA A 602 -16.76 -2.19 -26.31
CA ALA A 602 -17.58 -3.06 -27.15
C ALA A 602 -17.38 -2.68 -28.62
N ARG A 603 -17.40 -1.39 -28.89
CA ARG A 603 -17.17 -0.91 -30.24
C ARG A 603 -15.81 -1.35 -30.78
N HIS A 604 -14.79 -1.30 -29.92
CA HIS A 604 -13.42 -1.54 -30.36
C HIS A 604 -13.31 -2.99 -30.80
N GLN A 605 -14.02 -3.88 -30.14
CA GLN A 605 -14.01 -5.28 -30.47
C GLN A 605 -14.67 -5.58 -31.82
N GLN A 606 -15.57 -4.68 -32.23
N GLN A 606 -15.58 -4.73 -32.27
CA GLN A 606 -16.27 -4.75 -33.50
CA GLN A 606 -16.13 -4.90 -33.61
C GLN A 606 -15.49 -3.96 -34.59
C GLN A 606 -15.52 -3.87 -34.56
N GLY A 607 -14.28 -3.47 -34.30
CA GLY A 607 -13.52 -2.64 -35.26
C GLY A 607 -14.08 -1.20 -35.50
N GLN A 608 -14.90 -0.69 -34.57
CA GLN A 608 -15.45 0.64 -34.69
C GLN A 608 -14.72 1.69 -33.89
N PRO A 609 -14.74 2.92 -34.36
CA PRO A 609 -14.04 3.95 -33.63
C PRO A 609 -14.89 4.55 -32.52
N LEU A 610 -14.25 5.45 -31.81
CA LEU A 610 -14.78 6.02 -30.62
C LEU A 610 -16.05 6.84 -30.90
N SER A 611 -17.08 6.66 -30.09
CA SER A 611 -18.29 7.46 -30.17
C SER A 611 -18.44 8.11 -28.80
N LEU A 612 -18.67 9.41 -28.78
CA LEU A 612 -18.84 10.17 -27.55
C LEU A 612 -19.83 11.32 -27.78
N PRO A 613 -20.92 11.39 -27.00
CA PRO A 613 -21.87 12.48 -27.20
C PRO A 613 -21.23 13.85 -26.97
N VAL A 614 -21.66 14.77 -27.83
CA VAL A 614 -21.29 16.16 -27.73
C VAL A 614 -21.50 16.64 -26.29
N HIS A 615 -22.65 16.36 -25.69
CA HIS A 615 -22.81 16.86 -24.31
C HIS A 615 -21.81 16.38 -23.22
N VAL A 616 -21.13 15.26 -23.46
CA VAL A 616 -20.14 14.74 -22.56
C VAL A 616 -18.87 15.49 -22.73
N ALA A 617 -18.45 15.70 -23.98
CA ALA A 617 -17.33 16.57 -24.25
C ALA A 617 -17.54 17.97 -23.59
N ASP A 618 -18.75 18.50 -23.72
CA ASP A 618 -19.11 19.81 -23.17
C ASP A 618 -18.94 19.83 -21.67
N ALA A 619 -19.31 18.75 -20.99
CA ALA A 619 -19.13 18.72 -19.52
C ALA A 619 -17.67 18.87 -19.11
N PHE A 620 -16.77 18.22 -19.84
CA PHE A 620 -15.34 18.41 -19.58
C PHE A 620 -14.77 19.79 -19.98
N ARG A 621 -15.36 20.40 -21.03
CA ARG A 621 -14.99 21.74 -21.45
C ARG A 621 -15.34 22.70 -20.31
N ALA A 622 -16.51 22.52 -19.73
CA ALA A 622 -16.95 23.39 -18.65
C ALA A 622 -16.02 23.28 -17.40
N VAL A 623 -15.45 22.12 -17.19
CA VAL A 623 -14.60 21.97 -16.05
C VAL A 623 -13.29 22.71 -16.32
N LEU A 624 -12.80 22.62 -17.56
CA LEU A 624 -11.59 23.32 -17.95
C LEU A 624 -11.67 24.80 -17.88
N LEU A 625 -12.85 25.32 -18.15
CA LEU A 625 -13.01 26.75 -18.26
C LEU A 625 -13.68 27.35 -17.03
N ASP A 626 -13.98 26.55 -16.01
CA ASP A 626 -14.64 27.07 -14.82
C ASP A 626 -13.57 27.71 -13.96
N GLU A 627 -13.78 28.98 -13.63
CA GLU A 627 -12.72 29.73 -12.94
C GLU A 627 -12.81 29.62 -11.40
N LYS A 628 -13.97 29.22 -10.89
CA LYS A 628 -14.16 28.93 -9.47
C LYS A 628 -13.68 27.53 -9.04
N ILE A 629 -13.57 26.58 -9.95
CA ILE A 629 -13.19 25.22 -9.57
C ILE A 629 -11.77 25.19 -9.00
N ASP A 630 -11.59 24.53 -7.90
CA ASP A 630 -10.26 24.23 -7.40
C ASP A 630 -9.49 23.49 -8.48
N PRO A 631 -8.34 23.99 -8.88
CA PRO A 631 -7.52 23.34 -9.88
C PRO A 631 -7.20 21.86 -9.57
N ALA A 632 -7.03 21.54 -8.28
CA ALA A 632 -6.74 20.18 -7.87
C ALA A 632 -7.92 19.23 -8.26
N LEU A 633 -9.13 19.74 -8.10
CA LEU A 633 -10.30 18.99 -8.49
C LEU A 633 -10.34 18.83 -10.03
N ALA A 634 -10.09 19.92 -10.73
CA ALA A 634 -10.20 19.90 -12.16
C ALA A 634 -9.18 18.93 -12.71
N ALA A 635 -7.99 18.90 -12.10
CA ALA A 635 -7.01 17.96 -12.59
C ALA A 635 -7.40 16.50 -12.51
N GLU A 636 -8.07 16.14 -11.43
CA GLU A 636 -8.52 14.78 -11.26
C GLU A 636 -9.65 14.43 -12.21
N ILE A 637 -10.60 15.33 -12.42
CA ILE A 637 -11.64 15.10 -13.38
C ILE A 637 -11.02 14.94 -14.78
N LEU A 638 -9.89 15.63 -15.05
CA LEU A 638 -9.19 15.50 -16.33
C LEU A 638 -8.10 14.45 -16.40
N THR A 639 -8.10 13.57 -15.41
CA THR A 639 -7.19 12.41 -15.38
C THR A 639 -8.13 11.21 -15.59
N LEU A 640 -8.13 10.66 -16.80
CA LEU A 640 -8.88 9.46 -17.13
C LEU A 640 -8.58 8.28 -16.19
N PRO A 641 -9.62 7.52 -15.89
CA PRO A 641 -9.51 6.29 -15.13
C PRO A 641 -8.43 5.44 -15.72
N SER A 642 -7.62 4.78 -14.90
CA SER A 642 -6.51 4.00 -15.44
C SER A 642 -7.07 2.77 -16.12
N VAL A 643 -6.20 2.01 -16.80
CA VAL A 643 -6.62 0.74 -17.41
C VAL A 643 -7.15 -0.27 -16.37
N ASN A 644 -6.58 -0.22 -15.15
CA ASN A 644 -7.09 -1.03 -14.07
C ASN A 644 -8.45 -0.65 -13.57
N GLU A 645 -8.76 0.64 -13.45
CA GLU A 645 -10.09 1.06 -13.05
C GLU A 645 -11.12 0.75 -14.18
N MET A 646 -10.67 0.92 -15.41
CA MET A 646 -11.49 0.62 -16.54
C MET A 646 -11.80 -0.85 -16.52
N ALA A 647 -10.79 -1.69 -16.27
CA ALA A 647 -10.96 -3.14 -16.23
C ALA A 647 -12.04 -3.64 -15.28
N GLU A 648 -12.24 -2.99 -14.14
N GLU A 648 -12.23 -2.97 -14.13
CA GLU A 648 -13.30 -3.45 -13.20
CA GLU A 648 -13.29 -3.33 -13.14
C GLU A 648 -14.73 -3.16 -13.67
C GLU A 648 -14.70 -3.22 -13.69
N LEU A 649 -14.88 -2.44 -14.76
CA LEU A 649 -16.23 -2.24 -15.31
C LEU A 649 -16.75 -3.44 -16.09
N PHE A 650 -15.89 -4.44 -16.32
CA PHE A 650 -16.18 -5.55 -17.21
C PHE A 650 -16.11 -6.90 -16.50
N ASP A 651 -16.94 -7.87 -16.89
CA ASP A 651 -16.80 -9.21 -16.32
C ASP A 651 -15.61 -9.87 -16.99
N ILE A 652 -15.53 -9.81 -18.32
CA ILE A 652 -14.35 -10.39 -19.00
C ILE A 652 -13.52 -9.24 -19.50
N ILE A 653 -12.22 -9.25 -19.22
CA ILE A 653 -11.37 -8.12 -19.53
C ILE A 653 -10.74 -8.25 -20.90
N ASP A 654 -10.87 -7.24 -21.73
CA ASP A 654 -10.14 -7.23 -23.03
C ASP A 654 -9.10 -6.12 -22.93
N PRO A 655 -7.86 -6.48 -22.61
CA PRO A 655 -6.87 -5.49 -22.24
C PRO A 655 -6.41 -4.66 -23.37
N ILE A 656 -6.49 -5.20 -24.55
CA ILE A 656 -6.09 -4.45 -25.72
C ILE A 656 -7.15 -3.43 -26.06
N ALA A 657 -8.41 -3.83 -26.10
CA ALA A 657 -9.50 -2.88 -26.29
C ALA A 657 -9.48 -1.78 -25.22
N ILE A 658 -9.28 -2.14 -23.97
CA ILE A 658 -9.20 -1.09 -22.91
C ILE A 658 -8.05 -0.11 -23.16
N ALA A 659 -6.86 -0.61 -23.48
CA ALA A 659 -5.73 0.30 -23.69
C ALA A 659 -5.99 1.26 -24.89
N GLU A 660 -6.49 0.67 -25.96
CA GLU A 660 -6.77 1.41 -27.16
C GLU A 660 -7.89 2.41 -26.95
N VAL A 661 -8.93 2.03 -26.20
CA VAL A 661 -10.01 2.97 -25.87
C VAL A 661 -9.59 4.13 -24.97
N ARG A 662 -8.62 3.92 -24.07
CA ARG A 662 -8.11 5.04 -23.24
C ARG A 662 -7.37 5.99 -24.13
N GLU A 663 -6.59 5.46 -25.03
CA GLU A 663 -5.84 6.30 -25.94
C GLU A 663 -6.78 7.13 -26.87
N ALA A 664 -7.82 6.52 -27.39
CA ALA A 664 -8.71 7.14 -28.36
C ALA A 664 -9.56 8.22 -27.69
N LEU A 665 -9.90 7.97 -26.44
CA LEU A 665 -10.71 8.91 -25.67
C LEU A 665 -9.84 10.08 -25.37
N THR A 666 -8.57 9.81 -25.10
CA THR A 666 -7.62 10.90 -24.93
C THR A 666 -7.46 11.69 -26.25
N ARG A 667 -7.31 11.02 -27.37
CA ARG A 667 -7.16 11.71 -28.68
C ARG A 667 -8.41 12.55 -29.04
N THR A 668 -9.57 12.07 -28.67
CA THR A 668 -10.83 12.76 -29.00
C THR A 668 -11.05 14.00 -28.13
N LEU A 669 -10.73 13.95 -26.85
CA LEU A 669 -10.84 15.16 -26.02
C LEU A 669 -9.76 16.16 -26.37
N ALA A 670 -8.56 15.69 -26.68
CA ALA A 670 -7.51 16.56 -27.24
C ALA A 670 -7.96 17.39 -28.44
N THR A 671 -8.66 16.74 -29.36
CA THR A 671 -9.18 17.37 -30.57
C THR A 671 -10.38 18.26 -30.20
N GLU A 672 -11.32 17.78 -29.44
CA GLU A 672 -12.47 18.59 -29.17
C GLU A 672 -12.13 19.77 -28.32
N LEU A 673 -11.07 19.68 -27.50
CA LEU A 673 -10.84 20.70 -26.47
C LEU A 673 -9.51 21.40 -26.66
N ALA A 674 -8.92 21.31 -27.84
CA ALA A 674 -7.51 21.71 -28.03
C ALA A 674 -7.26 23.13 -27.56
N ASP A 675 -8.14 24.05 -27.92
CA ASP A 675 -7.89 25.46 -27.61
C ASP A 675 -7.98 25.68 -26.12
N GLU A 676 -8.99 25.11 -25.49
CA GLU A 676 -9.12 25.24 -24.04
C GLU A 676 -7.94 24.56 -23.27
N LEU A 677 -7.51 23.40 -23.74
CA LEU A 677 -6.41 22.69 -23.14
C LEU A 677 -5.20 23.55 -23.14
N LEU A 678 -4.90 24.12 -24.30
CA LEU A 678 -3.71 24.94 -24.43
C LEU A 678 -3.76 26.18 -23.55
N ALA A 679 -4.90 26.84 -23.56
CA ALA A 679 -5.03 28.01 -22.76
C ALA A 679 -4.80 27.66 -21.29
N ILE A 680 -5.39 26.55 -20.82
CA ILE A 680 -5.27 26.22 -19.40
C ILE A 680 -3.85 25.76 -19.07
N TYR A 681 -3.20 25.14 -20.04
CA TYR A 681 -1.79 24.78 -19.91
C TYR A 681 -0.96 26.04 -19.62
N ASN A 682 -1.12 27.08 -20.44
CA ASN A 682 -0.33 28.31 -20.34
C ASN A 682 -0.62 29.13 -19.09
N ALA A 683 -1.88 29.18 -18.69
CA ALA A 683 -2.33 29.94 -17.57
C ALA A 683 -1.80 29.38 -16.27
N ASN A 684 -1.54 28.07 -16.26
CA ASN A 684 -1.04 27.47 -15.06
C ASN A 684 0.46 27.40 -14.98
N TYR A 685 1.17 28.03 -15.92
CA TYR A 685 2.64 28.11 -15.84
C TYR A 685 3.07 28.67 -14.48
N GLN A 686 4.05 28.04 -13.86
CA GLN A 686 4.64 28.55 -12.64
C GLN A 686 6.18 28.60 -12.76
N SER A 687 6.77 29.76 -12.53
CA SER A 687 8.22 29.95 -12.68
C SER A 687 8.96 29.35 -11.46
N GLU A 688 8.49 29.66 -10.27
CA GLU A 688 8.95 29.03 -9.03
C GLU A 688 8.38 27.62 -8.85
N TYR A 689 9.26 26.70 -8.48
CA TYR A 689 8.86 25.37 -8.03
C TYR A 689 8.70 25.33 -6.50
N ARG A 690 7.51 24.94 -6.05
CA ARG A 690 7.27 24.76 -4.62
C ARG A 690 6.47 23.48 -4.38
N VAL A 691 6.89 22.79 -3.34
CA VAL A 691 6.19 21.67 -2.80
C VAL A 691 5.16 22.17 -1.79
N GLU A 692 4.12 22.79 -2.32
CA GLU A 692 3.07 23.37 -1.55
C GLU A 692 1.80 23.04 -2.29
N HIS A 693 0.72 22.85 -1.55
CA HIS A 693 -0.49 22.19 -2.12
C HIS A 693 -1.12 22.95 -3.27
N GLU A 694 -1.17 24.27 -3.24
CA GLU A 694 -1.77 25.04 -4.35
C GLU A 694 -0.93 24.98 -5.58
N ASP A 695 0.39 25.06 -5.42
CA ASP A 695 1.31 24.95 -6.51
C ASP A 695 1.21 23.57 -7.15
N ILE A 696 1.13 22.53 -6.32
CA ILE A 696 1.06 21.14 -6.81
C ILE A 696 -0.25 20.93 -7.63
N ALA A 697 -1.34 21.49 -7.14
CA ALA A 697 -2.64 21.44 -7.80
C ALA A 697 -2.55 22.05 -9.21
N LYS A 698 -2.01 23.27 -9.29
CA LYS A 698 -1.86 23.95 -10.59
C LYS A 698 -0.96 23.19 -11.54
N ARG A 699 0.11 22.61 -11.00
CA ARG A 699 1.04 21.86 -11.78
C ARG A 699 0.41 20.57 -12.30
N THR A 700 -0.38 19.95 -11.46
CA THR A 700 -1.03 18.70 -11.81
C THR A 700 -2.07 18.96 -12.93
N LEU A 701 -2.83 20.07 -12.83
CA LEU A 701 -3.71 20.49 -13.89
C LEU A 701 -2.99 20.82 -15.18
N ARG A 702 -1.89 21.55 -15.06
CA ARG A 702 -1.10 21.85 -16.23
C ARG A 702 -0.62 20.60 -16.92
N ASN A 703 -0.03 19.66 -16.18
CA ASN A 703 0.45 18.45 -16.82
C ASN A 703 -0.67 17.49 -17.34
N ALA A 704 -1.83 17.55 -16.70
CA ALA A 704 -2.97 16.87 -17.20
C ALA A 704 -3.33 17.43 -18.58
N CYS A 705 -3.30 18.75 -18.73
CA CYS A 705 -3.56 19.35 -20.06
C CYS A 705 -2.48 18.96 -21.06
N LEU A 706 -1.23 18.95 -20.63
CA LEU A 706 -0.18 18.53 -21.50
C LEU A 706 -0.39 17.11 -22.00
N ARG A 707 -0.96 16.30 -21.16
CA ARG A 707 -1.09 14.89 -21.54
C ARG A 707 -2.02 14.80 -22.75
N PHE A 708 -3.13 15.50 -22.67
CA PHE A 708 -4.07 15.54 -23.72
C PHE A 708 -3.46 16.14 -24.97
N LEU A 709 -2.81 17.29 -24.81
CA LEU A 709 -2.17 17.98 -25.92
C LEU A 709 -1.16 17.10 -26.66
N ALA A 710 -0.49 16.20 -25.93
CA ALA A 710 0.50 15.29 -26.55
C ALA A 710 -0.14 14.36 -27.58
N PHE A 711 -1.42 14.08 -27.39
CA PHE A 711 -2.15 13.16 -28.25
C PHE A 711 -2.97 13.96 -29.28
N GLY A 712 -2.73 15.27 -29.40
CA GLY A 712 -3.44 16.11 -30.40
C GLY A 712 -2.57 16.23 -31.67
N GLU A 713 -2.63 17.37 -32.33
CA GLU A 713 -1.81 17.63 -33.50
C GLU A 713 -0.34 17.40 -33.16
N THR A 714 0.28 16.58 -34.00
CA THR A 714 1.58 16.06 -33.74
C THR A 714 2.66 17.08 -33.60
N HIS A 715 2.72 18.07 -34.48
CA HIS A 715 3.83 19.02 -34.46
C HIS A 715 3.77 19.94 -33.21
N LEU A 716 2.63 20.59 -32.95
CA LEU A 716 2.43 21.24 -31.66
C LEU A 716 2.81 20.30 -30.50
N ALA A 717 2.28 19.09 -30.53
CA ALA A 717 2.55 18.11 -29.46
C ALA A 717 4.04 18.01 -29.17
N ASP A 718 4.79 17.78 -30.26
CA ASP A 718 6.21 17.51 -30.18
C ASP A 718 6.96 18.73 -29.67
N VAL A 719 6.48 19.91 -30.06
CA VAL A 719 7.13 21.14 -29.67
C VAL A 719 6.92 21.39 -28.16
N LEU A 720 5.64 21.41 -27.73
CA LEU A 720 5.26 21.57 -26.31
C LEU A 720 6.04 20.60 -25.37
N VAL A 721 6.09 19.33 -25.78
CA VAL A 721 6.64 18.28 -24.92
C VAL A 721 8.17 18.40 -24.84
N SER A 722 8.85 18.51 -26.00
N SER A 722 8.84 18.50 -26.00
CA SER A 722 10.30 18.69 -26.01
CA SER A 722 10.27 18.68 -26.04
C SER A 722 10.69 19.97 -25.22
C SER A 722 10.70 19.96 -25.27
N LYS A 723 9.99 21.05 -25.49
CA LYS A 723 10.28 22.28 -24.79
C LYS A 723 10.09 22.10 -23.25
N GLN A 724 8.99 21.52 -22.80
CA GLN A 724 8.79 21.37 -21.35
C GLN A 724 9.89 20.51 -20.76
N PHE A 725 10.33 19.48 -21.48
CA PHE A 725 11.31 18.60 -20.95
C PHE A 725 12.62 19.35 -20.72
N HIS A 726 12.99 20.19 -21.70
CA HIS A 726 14.28 20.85 -21.64
C HIS A 726 14.31 22.04 -20.73
N GLU A 727 13.20 22.77 -20.63
CA GLU A 727 13.09 23.92 -19.76
C GLU A 727 12.69 23.65 -18.31
N ALA A 728 12.18 22.46 -18.04
CA ALA A 728 11.72 22.14 -16.69
C ALA A 728 12.78 22.42 -15.65
N ASN A 729 12.37 23.03 -14.56
CA ASN A 729 13.30 23.25 -13.44
C ASN A 729 13.06 22.26 -12.31
N ASN A 730 12.33 21.19 -12.59
CA ASN A 730 11.96 20.19 -11.59
C ASN A 730 11.56 18.90 -12.29
N MET A 731 11.62 17.80 -11.56
CA MET A 731 11.42 16.48 -12.14
C MET A 731 9.94 16.22 -12.42
N THR A 732 9.06 16.81 -11.63
CA THR A 732 7.66 16.66 -11.95
C THR A 732 7.41 17.05 -13.45
N ASP A 733 7.90 18.20 -13.83
CA ASP A 733 7.55 18.77 -15.14
C ASP A 733 8.36 18.02 -16.18
N ALA A 734 9.58 17.65 -15.86
CA ALA A 734 10.37 16.90 -16.85
C ALA A 734 9.80 15.54 -17.16
N LEU A 735 9.42 14.84 -16.09
CA LEU A 735 8.80 13.49 -16.27
C LEU A 735 7.44 13.48 -16.90
N ALA A 736 6.60 14.45 -16.60
CA ALA A 736 5.32 14.55 -17.27
C ALA A 736 5.53 14.65 -18.80
N ALA A 737 6.48 15.48 -19.22
CA ALA A 737 6.84 15.59 -20.63
C ALA A 737 7.43 14.28 -21.21
N LEU A 738 8.40 13.69 -20.52
CA LEU A 738 9.03 12.56 -21.05
C LEU A 738 7.99 11.45 -21.19
N SER A 739 7.13 11.37 -20.20
CA SER A 739 6.11 10.35 -20.19
C SER A 739 5.08 10.53 -21.31
N ALA A 740 4.64 11.76 -21.57
CA ALA A 740 3.76 12.03 -22.70
C ALA A 740 4.47 11.68 -24.01
N ALA A 741 5.78 11.91 -24.10
CA ALA A 741 6.49 11.61 -25.34
C ALA A 741 6.44 10.10 -25.58
N VAL A 742 6.60 9.33 -24.51
CA VAL A 742 6.51 7.89 -24.67
C VAL A 742 5.04 7.49 -24.94
N ALA A 743 4.11 8.04 -24.22
CA ALA A 743 2.73 7.55 -24.31
C ALA A 743 2.17 7.82 -25.73
N ALA A 744 2.48 8.99 -26.28
CA ALA A 744 1.96 9.38 -27.59
C ALA A 744 2.91 9.03 -28.73
N GLN A 745 4.04 8.40 -28.43
CA GLN A 745 4.99 8.00 -29.46
C GLN A 745 5.43 9.18 -30.34
N LEU A 746 5.77 10.28 -29.71
CA LEU A 746 6.15 11.49 -30.42
C LEU A 746 7.55 11.40 -31.02
N PRO A 747 7.79 12.17 -32.07
CA PRO A 747 9.10 12.13 -32.74
C PRO A 747 10.26 12.37 -31.75
N CYS A 748 10.07 13.26 -30.79
CA CYS A 748 11.19 13.58 -29.90
C CYS A 748 11.51 12.48 -28.90
N ARG A 749 10.69 11.42 -28.88
CA ARG A 749 10.79 10.41 -27.81
C ARG A 749 12.17 9.81 -27.59
N ASP A 750 12.78 9.21 -28.62
CA ASP A 750 14.05 8.49 -28.43
C ASP A 750 15.19 9.39 -27.95
N ALA A 751 15.24 10.61 -28.45
CA ALA A 751 16.26 11.56 -28.05
C ALA A 751 16.09 11.94 -26.58
N LEU A 752 14.85 12.20 -26.17
CA LEU A 752 14.60 12.55 -24.78
C LEU A 752 14.93 11.37 -23.82
N MET A 753 14.55 10.16 -24.24
CA MET A 753 14.86 8.96 -23.47
C MET A 753 16.35 8.77 -23.38
N GLN A 754 17.05 9.09 -24.45
CA GLN A 754 18.49 8.89 -24.47
C GLN A 754 19.17 9.91 -23.53
N GLU A 755 18.71 11.14 -23.63
CA GLU A 755 19.21 12.15 -22.75
C GLU A 755 19.02 11.78 -21.30
N TYR A 756 17.84 11.26 -20.95
CA TYR A 756 17.53 11.03 -19.53
C TYR A 756 18.50 9.99 -18.99
N ASP A 757 18.72 8.95 -19.76
CA ASP A 757 19.65 7.86 -19.45
C ASP A 757 21.07 8.40 -19.31
N ASP A 758 21.51 9.21 -20.28
CA ASP A 758 22.86 9.78 -20.22
C ASP A 758 23.07 10.58 -18.95
N LYS A 759 22.10 11.40 -18.56
CA LYS A 759 22.20 12.18 -17.33
C LYS A 759 22.08 11.33 -16.06
N TRP A 760 21.16 10.36 -16.05
CA TRP A 760 20.75 9.79 -14.79
C TRP A 760 21.12 8.35 -14.51
N HIS A 761 21.83 7.66 -15.43
CA HIS A 761 22.15 6.23 -15.31
C HIS A 761 22.80 5.77 -13.99
N GLN A 762 23.51 6.64 -13.33
CA GLN A 762 24.24 6.25 -12.12
C GLN A 762 23.30 6.31 -10.91
N ASN A 763 22.09 6.79 -11.12
CA ASN A 763 21.12 6.95 -10.04
C ASN A 763 19.91 6.00 -10.19
N GLY A 764 20.04 4.83 -9.56
CA GLY A 764 19.00 3.85 -9.52
C GLY A 764 17.56 4.36 -9.35
N LEU A 765 17.30 5.14 -8.30
CA LEU A 765 15.92 5.65 -8.06
C LEU A 765 15.44 6.51 -9.18
N VAL A 766 16.34 7.27 -9.77
CA VAL A 766 15.85 8.13 -10.86
C VAL A 766 15.60 7.29 -12.08
N MET A 767 16.46 6.29 -12.29
CA MET A 767 16.27 5.40 -13.41
C MET A 767 15.02 4.53 -13.30
N ASP A 768 14.56 4.28 -12.08
CA ASP A 768 13.33 3.52 -11.91
C ASP A 768 12.21 4.14 -12.73
N LYS A 769 12.12 5.45 -12.73
CA LYS A 769 11.07 6.07 -13.50
C LYS A 769 11.20 5.77 -15.00
N TRP A 770 12.45 5.72 -15.47
CA TRP A 770 12.71 5.57 -16.90
C TRP A 770 12.37 4.13 -17.29
N PHE A 771 12.70 3.20 -16.38
CA PHE A 771 12.37 1.79 -16.57
C PHE A 771 10.86 1.63 -16.62
N ILE A 772 10.14 2.29 -15.70
CA ILE A 772 8.70 2.25 -15.75
C ILE A 772 8.17 2.74 -17.09
N LEU A 773 8.75 3.83 -17.61
CA LEU A 773 8.30 4.35 -18.91
C LEU A 773 8.57 3.35 -20.05
N GLN A 774 9.74 2.72 -20.00
CA GLN A 774 10.05 1.73 -21.02
C GLN A 774 9.07 0.60 -20.95
N ALA A 775 8.82 0.13 -19.72
CA ALA A 775 8.02 -1.06 -19.52
C ALA A 775 6.54 -0.84 -19.93
N THR A 776 6.05 0.39 -19.82
CA THR A 776 4.65 0.71 -20.07
C THR A 776 4.47 1.39 -21.42
N SER A 777 5.52 1.39 -22.25
CA SER A 777 5.43 1.95 -23.59
C SER A 777 4.35 1.23 -24.43
N PRO A 778 3.60 1.97 -25.17
CA PRO A 778 2.64 1.39 -26.13
C PRO A 778 3.28 0.96 -27.45
N ALA A 779 4.57 1.18 -27.63
CA ALA A 779 5.24 0.76 -28.86
C ALA A 779 5.06 -0.72 -29.10
N ALA A 780 4.94 -1.10 -30.37
CA ALA A 780 4.81 -2.53 -30.78
C ALA A 780 5.97 -3.42 -30.36
N ASN A 781 7.18 -2.90 -30.25
CA ASN A 781 8.32 -3.77 -29.88
C ASN A 781 8.73 -3.68 -28.37
N VAL A 782 7.76 -3.42 -27.52
CA VAL A 782 8.11 -3.05 -26.14
C VAL A 782 8.71 -4.24 -25.37
N LEU A 783 8.17 -5.41 -25.63
CA LEU A 783 8.69 -6.58 -24.99
C LEU A 783 10.19 -6.78 -25.35
N GLU A 784 10.52 -6.59 -26.61
CA GLU A 784 11.88 -6.78 -27.06
C GLU A 784 12.75 -5.74 -26.34
N THR A 785 12.26 -4.52 -26.20
CA THR A 785 13.04 -3.49 -25.53
C THR A 785 13.25 -3.86 -24.04
N VAL A 786 12.18 -4.33 -23.39
CA VAL A 786 12.28 -4.78 -22.00
C VAL A 786 13.31 -5.90 -21.78
N ARG A 787 13.30 -6.92 -22.65
CA ARG A 787 14.28 -8.02 -22.58
C ARG A 787 15.68 -7.46 -22.65
N GLY A 788 15.91 -6.54 -23.58
CA GLY A 788 17.23 -5.95 -23.75
C GLY A 788 17.68 -5.15 -22.52
N LEU A 789 16.74 -4.47 -21.90
CA LEU A 789 17.01 -3.69 -20.67
C LEU A 789 17.41 -4.54 -19.46
N LEU A 790 17.20 -5.85 -19.49
CA LEU A 790 17.84 -6.71 -18.51
C LEU A 790 19.34 -6.58 -18.50
N GLN A 791 19.92 -6.09 -19.60
CA GLN A 791 21.38 -5.94 -19.70
C GLN A 791 21.78 -4.48 -19.51
N HIS A 792 20.81 -3.62 -19.25
CA HIS A 792 21.13 -2.21 -19.10
C HIS A 792 22.01 -1.99 -17.85
N ARG A 793 22.89 -1.01 -17.98
CA ARG A 793 23.91 -0.68 -16.97
C ARG A 793 23.33 -0.29 -15.59
N SER A 794 22.16 0.32 -15.59
CA SER A 794 21.37 0.65 -14.42
C SER A 794 20.44 -0.46 -13.89
N PHE A 795 20.43 -1.63 -14.53
CA PHE A 795 19.55 -2.71 -14.11
C PHE A 795 20.30 -3.84 -13.43
N THR A 796 19.68 -4.45 -12.43
CA THR A 796 20.22 -5.66 -11.88
C THR A 796 19.12 -6.44 -11.13
N MET A 797 19.16 -7.75 -11.34
CA MET A 797 18.22 -8.66 -10.72
C MET A 797 18.47 -8.73 -9.22
N SER A 798 19.58 -8.17 -8.75
CA SER A 798 19.86 -8.20 -7.33
C SER A 798 19.11 -7.08 -6.58
N ASN A 799 18.40 -6.20 -7.29
CA ASN A 799 17.78 -5.05 -6.66
C ASN A 799 16.23 -5.01 -6.86
N PRO A 800 15.49 -5.14 -5.75
CA PRO A 800 14.05 -5.27 -5.87
C PRO A 800 13.39 -4.08 -6.52
N ASN A 801 13.90 -2.89 -6.26
CA ASN A 801 13.37 -1.74 -6.94
C ASN A 801 13.54 -1.81 -8.48
N ARG A 802 14.73 -2.19 -8.93
CA ARG A 802 14.98 -2.27 -10.38
C ARG A 802 14.06 -3.34 -10.96
N ILE A 803 13.92 -4.43 -10.24
CA ILE A 803 13.09 -5.52 -10.72
C ILE A 803 11.62 -5.03 -10.80
N ARG A 804 11.15 -4.37 -9.75
CA ARG A 804 9.74 -3.88 -9.76
C ARG A 804 9.53 -2.86 -10.89
N SER A 805 10.54 -2.05 -11.14
CA SER A 805 10.42 -0.96 -12.11
C SER A 805 10.43 -1.37 -13.60
N LEU A 806 11.14 -2.46 -13.90
CA LEU A 806 11.22 -2.99 -15.26
C LEU A 806 10.20 -4.12 -15.49
N ILE A 807 10.33 -5.20 -14.74
CA ILE A 807 9.59 -6.42 -14.95
C ILE A 807 8.19 -6.31 -14.38
N GLY A 808 8.09 -5.82 -13.15
CA GLY A 808 6.80 -5.64 -12.49
C GLY A 808 5.92 -4.68 -13.24
N ALA A 809 6.49 -3.56 -13.65
CA ALA A 809 5.74 -2.59 -14.42
C ALA A 809 5.24 -3.12 -15.79
N PHE A 810 6.06 -3.90 -16.45
CA PHE A 810 5.68 -4.54 -17.68
C PHE A 810 4.44 -5.43 -17.48
N ALA A 811 4.57 -6.34 -16.54
CA ALA A 811 3.54 -7.35 -16.25
C ALA A 811 2.25 -6.76 -15.65
N GLY A 812 2.42 -5.84 -14.69
CA GLY A 812 1.32 -5.27 -13.95
C GLY A 812 0.73 -4.02 -14.55
N SER A 813 1.54 -3.20 -15.24
CA SER A 813 1.06 -1.94 -15.74
C SER A 813 1.17 -1.80 -17.21
N ASN A 814 1.55 -2.85 -17.98
CA ASN A 814 1.35 -2.82 -19.45
C ASN A 814 0.46 -3.98 -19.92
N PRO A 815 -0.78 -3.99 -19.43
CA PRO A 815 -1.58 -5.20 -19.70
C PRO A 815 -1.76 -5.48 -21.20
N ALA A 816 -1.76 -4.46 -22.04
CA ALA A 816 -1.86 -4.68 -23.44
C ALA A 816 -0.73 -5.55 -23.93
N ALA A 817 0.50 -5.30 -23.50
CA ALA A 817 1.62 -6.02 -24.07
C ALA A 817 1.79 -7.31 -23.31
N PHE A 818 1.47 -7.29 -22.00
CA PHE A 818 1.62 -8.47 -21.18
C PHE A 818 0.68 -9.55 -21.69
N HIS A 819 -0.52 -9.14 -22.01
CA HIS A 819 -1.51 -10.03 -22.63
C HIS A 819 -1.51 -10.07 -24.17
N ALA A 820 -0.40 -9.81 -24.79
CA ALA A 820 -0.29 -10.05 -26.24
C ALA A 820 -0.81 -11.46 -26.59
N GLU A 821 -1.47 -11.57 -27.72
CA GLU A 821 -2.20 -12.81 -28.09
C GLU A 821 -1.31 -14.02 -28.34
N ASP A 822 -0.05 -13.78 -28.68
CA ASP A 822 0.95 -14.81 -28.85
C ASP A 822 1.46 -15.34 -27.55
N GLY A 823 1.07 -14.75 -26.42
CA GLY A 823 1.48 -15.26 -25.12
C GLY A 823 2.94 -14.97 -24.79
N SER A 824 3.56 -14.09 -25.54
CA SER A 824 4.94 -13.79 -25.30
C SER A 824 5.16 -13.17 -23.91
N GLY A 825 4.18 -12.38 -23.44
CA GLY A 825 4.25 -11.72 -22.16
C GLY A 825 4.27 -12.69 -21.02
N TYR A 826 3.45 -13.72 -21.14
CA TYR A 826 3.42 -14.75 -20.15
C TYR A 826 4.78 -15.50 -20.11
N LEU A 827 5.34 -15.81 -21.26
CA LEU A 827 6.56 -16.63 -21.29
C LEU A 827 7.69 -15.84 -20.69
N PHE A 828 7.70 -14.54 -20.91
CA PHE A 828 8.74 -13.70 -20.33
C PHE A 828 8.67 -13.71 -18.79
N LEU A 829 7.46 -13.57 -18.26
CA LEU A 829 7.27 -13.54 -16.81
C LEU A 829 7.66 -14.86 -16.17
N VAL A 830 7.32 -15.95 -16.83
CA VAL A 830 7.75 -17.30 -16.38
C VAL A 830 9.27 -17.34 -16.26
N GLU A 831 9.95 -16.82 -17.26
CA GLU A 831 11.39 -16.88 -17.26
C GLU A 831 11.97 -16.04 -16.09
N MET A 832 11.39 -14.87 -15.85
CA MET A 832 11.86 -14.04 -14.73
C MET A 832 11.54 -14.68 -13.35
N LEU A 833 10.37 -15.30 -13.26
CA LEU A 833 9.99 -15.92 -12.02
C LEU A 833 10.77 -17.23 -11.76
N THR A 834 11.27 -17.85 -12.81
CA THR A 834 12.02 -19.05 -12.61
C THR A 834 13.32 -18.70 -11.87
N ASP A 835 13.90 -17.56 -12.21
CA ASP A 835 15.05 -16.99 -11.48
C ASP A 835 14.60 -16.56 -10.04
N LEU A 836 13.59 -15.70 -9.96
CA LEU A 836 13.26 -15.06 -8.69
C LEU A 836 12.67 -15.97 -7.68
N ASN A 837 12.09 -17.07 -8.13
CA ASN A 837 11.56 -18.03 -7.20
C ASN A 837 12.69 -18.50 -6.28
N SER A 838 13.89 -18.65 -6.81
CA SER A 838 15.06 -19.15 -6.04
C SER A 838 15.74 -17.98 -5.40
N ARG A 839 15.87 -16.89 -6.12
CA ARG A 839 16.62 -15.77 -5.60
C ARG A 839 15.88 -15.00 -4.47
N ASN A 840 14.62 -14.65 -4.69
CA ASN A 840 13.90 -13.74 -3.77
C ASN A 840 12.43 -13.98 -3.94
N PRO A 841 11.94 -15.02 -3.30
CA PRO A 841 10.57 -15.45 -3.38
C PRO A 841 9.57 -14.36 -3.04
N GLN A 842 9.85 -13.47 -2.07
CA GLN A 842 8.89 -12.37 -1.80
C GLN A 842 8.64 -11.50 -3.00
N VAL A 843 9.71 -11.15 -3.70
CA VAL A 843 9.54 -10.35 -4.89
C VAL A 843 8.83 -11.15 -5.99
N ALA A 844 9.16 -12.43 -6.09
CA ALA A 844 8.59 -13.28 -7.14
C ALA A 844 7.11 -13.28 -6.94
N SER A 845 6.71 -13.41 -5.70
CA SER A 845 5.31 -13.47 -5.37
C SER A 845 4.50 -12.21 -5.70
N ARG A 846 5.12 -11.04 -5.58
CA ARG A 846 4.43 -9.81 -5.94
C ARG A 846 4.28 -9.80 -7.48
N LEU A 847 5.31 -10.28 -8.16
CA LEU A 847 5.38 -10.26 -9.62
C LEU A 847 4.46 -11.25 -10.30
N ILE A 848 4.05 -12.32 -9.60
CA ILE A 848 3.18 -13.30 -10.23
C ILE A 848 1.69 -12.89 -10.27
N GLU A 849 1.37 -11.80 -9.59
CA GLU A 849 -0.05 -11.43 -9.40
C GLU A 849 -0.83 -11.29 -10.72
N PRO A 850 -0.25 -10.67 -11.74
CA PRO A 850 -0.93 -10.56 -13.04
C PRO A 850 -1.35 -11.89 -13.66
N LEU A 851 -0.62 -12.96 -13.40
CA LEU A 851 -0.86 -14.24 -14.02
C LEU A 851 -1.96 -14.95 -13.30
N ILE A 852 -2.13 -14.67 -12.01
CA ILE A 852 -3.15 -15.37 -11.33
C ILE A 852 -4.54 -14.80 -11.57
N ARG A 853 -4.70 -13.78 -12.43
CA ARG A 853 -6.02 -13.21 -12.72
C ARG A 853 -6.62 -13.84 -14.01
N LEU A 854 -6.09 -14.98 -14.41
CA LEU A 854 -6.44 -15.61 -15.65
C LEU A 854 -7.96 -15.78 -15.85
N LYS A 855 -8.74 -15.90 -14.79
CA LYS A 855 -10.15 -16.21 -14.99
C LYS A 855 -10.97 -15.01 -15.51
N ARG A 856 -10.37 -13.83 -15.55
CA ARG A 856 -11.02 -12.63 -16.03
C ARG A 856 -10.79 -12.45 -17.50
N TYR A 857 -9.92 -13.28 -18.09
CA TYR A 857 -9.61 -13.18 -19.54
C TYR A 857 -10.38 -14.20 -20.43
N ASP A 858 -10.30 -14.00 -21.74
CA ASP A 858 -10.93 -14.90 -22.71
C ASP A 858 -10.19 -16.25 -22.68
N ALA A 859 -10.92 -17.26 -23.16
CA ALA A 859 -10.55 -18.67 -23.09
C ALA A 859 -9.16 -18.92 -23.62
N LYS A 860 -8.84 -18.33 -24.74
CA LYS A 860 -7.53 -18.59 -25.31
C LYS A 860 -6.36 -18.03 -24.45
N ARG A 861 -6.51 -16.80 -23.96
CA ARG A 861 -5.53 -16.21 -23.01
C ARG A 861 -5.42 -17.03 -21.73
N GLN A 862 -6.57 -17.40 -21.23
CA GLN A 862 -6.67 -18.23 -20.07
C GLN A 862 -5.94 -19.57 -20.21
N GLU A 863 -6.06 -20.24 -21.35
CA GLU A 863 -5.30 -21.46 -21.60
C GLU A 863 -3.81 -21.20 -21.51
N LYS A 864 -3.32 -20.14 -22.13
CA LYS A 864 -1.90 -19.83 -22.07
C LYS A 864 -1.39 -19.42 -20.70
N MET A 865 -2.24 -18.75 -19.95
CA MET A 865 -1.82 -18.33 -18.59
C MET A 865 -1.79 -19.59 -17.71
N ARG A 866 -2.73 -20.50 -17.96
N ARG A 866 -2.73 -20.49 -17.94
CA ARG A 866 -2.81 -21.76 -17.23
CA ARG A 866 -2.76 -21.74 -17.20
C ARG A 866 -1.59 -22.66 -17.48
C ARG A 866 -1.48 -22.52 -17.46
N ALA A 867 -1.10 -22.67 -18.72
CA ALA A 867 0.08 -23.45 -19.05
C ALA A 867 1.29 -22.78 -18.37
N ALA A 868 1.27 -21.45 -18.31
CA ALA A 868 2.39 -20.75 -17.67
C ALA A 868 2.46 -21.07 -16.19
N LEU A 869 1.32 -21.00 -15.54
CA LEU A 869 1.22 -21.38 -14.16
C LEU A 869 1.59 -22.82 -13.92
N GLU A 870 1.20 -23.70 -14.83
CA GLU A 870 1.54 -25.14 -14.73
C GLU A 870 3.04 -25.36 -14.82
N GLN A 871 3.67 -24.66 -15.72
CA GLN A 871 5.14 -24.71 -15.77
C GLN A 871 5.81 -24.23 -14.47
N LEU A 872 5.32 -23.16 -13.88
CA LEU A 872 5.95 -22.68 -12.61
C LEU A 872 5.68 -23.66 -11.46
N LYS A 873 4.50 -24.29 -11.52
CA LYS A 873 4.11 -25.23 -10.52
C LYS A 873 5.10 -26.37 -10.53
N GLY A 874 5.63 -26.66 -11.70
CA GLY A 874 6.59 -27.75 -11.80
C GLY A 874 8.01 -27.41 -11.34
N LEU A 875 8.31 -26.16 -10.98
CA LEU A 875 9.69 -25.82 -10.64
C LEU A 875 10.20 -26.70 -9.53
N GLU A 876 11.48 -27.05 -9.62
CA GLU A 876 12.21 -27.62 -8.49
C GLU A 876 12.34 -26.53 -7.41
N ASN A 877 12.11 -26.91 -6.18
CA ASN A 877 12.25 -25.98 -5.08
C ASN A 877 11.34 -24.81 -5.26
N LEU A 878 10.08 -25.09 -5.60
CA LEU A 878 9.05 -24.10 -5.64
C LEU A 878 8.91 -23.49 -4.27
N SER A 879 9.04 -22.18 -4.15
CA SER A 879 8.84 -21.53 -2.83
C SER A 879 7.37 -21.63 -2.40
N GLY A 880 7.13 -21.71 -1.10
CA GLY A 880 5.81 -21.60 -0.56
C GLY A 880 5.07 -20.35 -1.00
N ASP A 881 5.80 -19.24 -1.14
CA ASP A 881 5.18 -17.94 -1.48
C ASP A 881 4.46 -18.13 -2.84
N LEU A 882 5.14 -18.76 -3.81
CA LEU A 882 4.51 -18.93 -5.12
C LEU A 882 3.46 -20.04 -5.14
N TYR A 883 3.78 -21.11 -4.42
CA TYR A 883 2.91 -22.25 -4.33
C TYR A 883 1.49 -21.85 -3.87
N GLU A 884 1.43 -20.99 -2.85
CA GLU A 884 0.14 -20.56 -2.37
C GLU A 884 -0.70 -19.98 -3.48
N LYS A 885 -0.09 -19.12 -4.28
CA LYS A 885 -0.83 -18.36 -5.29
C LYS A 885 -1.17 -19.21 -6.48
N ILE A 886 -0.17 -19.96 -6.93
CA ILE A 886 -0.37 -20.85 -8.07
C ILE A 886 -1.46 -21.91 -7.88
N THR A 887 -1.49 -22.55 -6.70
CA THR A 887 -2.47 -23.58 -6.50
C THR A 887 -3.84 -22.96 -6.39
N LYS A 888 -4.00 -21.79 -5.74
CA LYS A 888 -5.29 -21.12 -5.77
C LYS A 888 -5.68 -20.76 -7.21
N ALA A 889 -4.73 -20.26 -7.99
CA ALA A 889 -5.05 -19.89 -9.34
C ALA A 889 -5.48 -21.04 -10.23
N LEU A 890 -4.88 -22.21 -10.06
CA LEU A 890 -5.20 -23.39 -10.88
C LEU A 890 -6.43 -24.20 -10.40
N ALA A 891 -6.92 -23.96 -9.18
CA ALA A 891 -8.13 -24.62 -8.65
C ALA A 891 -9.39 -24.45 -9.53
N VAL B 2 4.89 -0.73 4.57
CA VAL B 2 4.34 -0.40 3.24
C VAL B 2 5.05 -1.38 2.36
N VAL B 3 4.31 -2.05 1.48
CA VAL B 3 4.93 -3.09 0.65
C VAL B 3 5.67 -2.64 -0.56
N ASP B 4 5.06 -1.77 -1.36
CA ASP B 4 5.70 -1.30 -2.60
C ASP B 4 6.02 0.17 -2.66
#